data_4JIC
#
_entry.id   4JIC
#
_cell.length_a   68.446
_cell.length_b   93.018
_cell.length_c   180.496
_cell.angle_alpha   90.00
_cell.angle_beta   90.00
_cell.angle_gamma   90.00
#
_symmetry.space_group_name_H-M   'P 21 21 21'
#
loop_
_entity.id
_entity.type
_entity.pdbx_description
1 polymer 'GTN Reductase'
2 non-polymer 'FLAVIN MONONUCLEOTIDE'
3 non-polymer DI(HYDROXYETHYL)ETHER
4 non-polymer 'SULFATE ION'
5 water water
#
_entity_poly.entity_id   1
_entity_poly.type   'polypeptide(L)'
_entity_poly.pdbx_seq_one_letter_code
;MTSLFEPAQAGDIALANRIVMAPLTRNRSPGAIPNNLNATYYEQRATAGLIVTEGTPISQQGQGYADVPGLYKREAIEGW
KKITDGVHSAGGKIVAQIWHVGRISHTSLQPHGGQPVAPSAITAKSKTYIINDDGTGAFAETSEPRALTIDDIGLILEDY
RSGARAALEAGFDGVEIHAANGYLIEQFLKSSTNQRTDDYGGSIENRARFLLEVVDAVAEEIGAGRTGIRLSPVTPANDI
FEADPQPLYNYVVEQLGKRNLAFIHVVEGATGGPRDFKQGDKPFDYASFKAAYRNAGGKGLWIANNGYDRQSAIEAVESG
KVDAVAFGKAFIANPDLVRRLKNDAPLNAPNQPTFYGGGAEGYTDYPALAQHHHHHH
;
_entity_poly.pdbx_strand_id   A,B,C
#
# COMPACT_ATOMS: atom_id res chain seq x y z
N THR A 2 -18.88 7.60 4.96
CA THR A 2 -18.49 8.92 4.51
C THR A 2 -19.60 9.56 3.70
N SER A 3 -19.91 10.81 4.01
CA SER A 3 -20.94 11.56 3.30
C SER A 3 -20.35 12.38 2.16
N LEU A 4 -21.06 12.41 1.04
CA LEU A 4 -20.71 13.28 -0.08
C LEU A 4 -20.59 14.75 0.36
N PHE A 5 -21.24 15.09 1.46
CA PHE A 5 -21.33 16.48 1.92
C PHE A 5 -20.32 16.85 2.98
N GLU A 6 -19.53 15.88 3.45
CA GLU A 6 -18.54 16.18 4.49
C GLU A 6 -17.18 16.55 3.91
N PRO A 7 -16.36 17.24 4.70
CA PRO A 7 -15.08 17.76 4.22
C PRO A 7 -14.12 16.66 3.83
N ALA A 8 -13.12 17.03 3.05
CA ALA A 8 -12.07 16.09 2.68
C ALA A 8 -10.76 16.82 2.56
N GLN A 9 -9.71 16.03 2.36
CA GLN A 9 -8.39 16.60 2.18
CA GLN A 9 -8.36 16.54 2.21
C GLN A 9 -7.74 15.98 0.94
N ALA A 10 -7.21 16.86 0.10
CA ALA A 10 -6.50 16.44 -1.11
C ALA A 10 -5.09 17.01 -1.02
N GLY A 11 -4.16 16.20 -0.52
CA GLY A 11 -2.83 16.73 -0.24
C GLY A 11 -2.87 17.91 0.71
N ASP A 12 -2.35 19.05 0.26
CA ASP A 12 -2.32 20.26 1.07
C ASP A 12 -3.62 21.07 0.97
N ILE A 13 -4.57 20.60 0.16
CA ILE A 13 -5.80 21.37 -0.07
C ILE A 13 -6.94 20.86 0.78
N ALA A 14 -7.56 21.75 1.56
CA ALA A 14 -8.71 21.37 2.36
C ALA A 14 -10.01 21.63 1.60
N LEU A 15 -10.84 20.59 1.46
CA LEU A 15 -12.10 20.73 0.74
CA LEU A 15 -12.11 20.69 0.74
C LEU A 15 -13.28 20.75 1.70
N ALA A 16 -14.24 21.62 1.42
CA ALA A 16 -15.41 21.80 2.28
C ALA A 16 -16.36 20.63 2.20
N ASN A 17 -16.35 19.96 1.05
CA ASN A 17 -17.24 18.83 0.80
C ASN A 17 -16.64 18.04 -0.35
N ARG A 18 -17.31 16.96 -0.75
CA ARG A 18 -16.74 16.03 -1.71
C ARG A 18 -17.41 16.11 -3.08
N ILE A 19 -18.05 17.24 -3.32
CA ILE A 19 -18.66 17.53 -4.60
C ILE A 19 -17.72 18.40 -5.40
N VAL A 20 -17.20 17.87 -6.50
CA VAL A 20 -16.20 18.58 -7.29
C VAL A 20 -16.78 19.04 -8.61
N MET A 21 -16.39 20.24 -9.04
CA MET A 21 -16.77 20.71 -10.37
C MET A 21 -15.73 20.22 -11.36
N ALA A 22 -16.16 19.35 -12.27
CA ALA A 22 -15.30 18.79 -13.30
C ALA A 22 -14.84 19.90 -14.23
N PRO A 23 -13.68 19.69 -14.87
CA PRO A 23 -13.16 20.66 -15.84
C PRO A 23 -14.08 20.74 -17.06
N LEU A 24 -14.44 21.94 -17.46
CA LEU A 24 -15.39 22.13 -18.55
C LEU A 24 -14.95 23.28 -19.45
N THR A 25 -14.41 22.93 -20.61
CA THR A 25 -14.08 23.90 -21.64
C THR A 25 -15.33 24.65 -22.08
N ARG A 26 -15.30 25.99 -22.02
CA ARG A 26 -16.48 26.80 -22.37
C ARG A 26 -16.21 27.81 -23.51
N ASN A 27 -14.94 27.96 -23.88
CA ASN A 27 -14.56 28.85 -24.99
C ASN A 27 -15.09 30.26 -24.90
N ARG A 28 -14.94 30.87 -23.72
CA ARG A 28 -15.45 32.20 -23.49
C ARG A 28 -14.38 33.15 -22.96
N SER A 29 -13.14 32.94 -23.41
CA SER A 29 -12.04 33.80 -23.02
C SER A 29 -11.21 34.21 -24.23
N PRO A 30 -11.71 35.17 -25.03
CA PRO A 30 -10.97 35.59 -26.23
C PRO A 30 -9.56 36.06 -25.87
N GLY A 31 -8.60 35.78 -26.74
CA GLY A 31 -7.21 36.16 -26.51
C GLY A 31 -6.50 35.35 -25.41
N ALA A 32 -7.13 34.26 -24.97
CA ALA A 32 -6.54 33.37 -23.96
C ALA A 32 -6.41 34.05 -22.59
N ILE A 33 -7.27 35.03 -22.35
CA ILE A 33 -7.22 35.83 -21.14
C ILE A 33 -8.57 35.76 -20.43
N PRO A 34 -8.59 35.26 -19.18
CA PRO A 34 -9.89 35.25 -18.49
C PRO A 34 -10.40 36.67 -18.24
N ASN A 35 -11.72 36.82 -18.24
CA ASN A 35 -12.34 38.12 -18.12
C ASN A 35 -13.34 38.19 -16.96
N ASN A 36 -14.07 39.30 -16.85
CA ASN A 36 -14.99 39.49 -15.75
C ASN A 36 -16.14 38.48 -15.74
N LEU A 37 -16.66 38.16 -16.92
CA LEU A 37 -17.75 37.20 -17.00
C LEU A 37 -17.26 35.81 -16.54
N ASN A 38 -16.03 35.48 -16.90
CA ASN A 38 -15.45 34.21 -16.43
C ASN A 38 -15.39 34.18 -14.90
N ALA A 39 -15.05 35.32 -14.30
CA ALA A 39 -14.98 35.39 -12.84
C ALA A 39 -16.36 35.17 -12.21
N THR A 40 -17.39 35.78 -12.79
CA THR A 40 -18.76 35.57 -12.33
C THR A 40 -19.14 34.10 -12.35
N TYR A 41 -18.85 33.44 -13.47
CA TYR A 41 -19.14 32.02 -13.67
C TYR A 41 -18.56 31.12 -12.58
N TYR A 42 -17.27 31.28 -12.31
CA TYR A 42 -16.63 30.46 -11.29
C TYR A 42 -17.09 30.82 -9.88
N GLU A 43 -17.27 32.12 -9.61
CA GLU A 43 -17.75 32.53 -8.30
C GLU A 43 -19.12 31.93 -7.98
N GLN A 44 -19.97 31.81 -9.00
CA GLN A 44 -21.32 31.24 -8.84
C GLN A 44 -21.27 29.81 -8.33
N ARG A 45 -20.14 29.15 -8.56
CA ARG A 45 -20.01 27.70 -8.31
C ARG A 45 -19.04 27.42 -7.17
N ALA A 46 -18.70 28.46 -6.43
CA ALA A 46 -17.70 28.36 -5.37
C ALA A 46 -18.11 27.50 -4.17
N THR A 47 -19.38 27.12 -4.06
CA THR A 47 -19.77 26.19 -2.98
C THR A 47 -19.29 24.76 -3.25
N ALA A 48 -18.88 24.46 -4.48
CA ALA A 48 -18.21 23.19 -4.76
C ALA A 48 -17.06 22.97 -3.79
N GLY A 49 -16.87 21.74 -3.35
CA GLY A 49 -15.71 21.44 -2.50
C GLY A 49 -14.41 21.79 -3.20
N LEU A 50 -14.38 21.56 -4.51
CA LEU A 50 -13.21 21.90 -5.32
C LEU A 50 -13.71 22.19 -6.72
N ILE A 51 -13.25 23.30 -7.29
CA ILE A 51 -13.44 23.56 -8.71
C ILE A 51 -12.18 23.17 -9.47
N VAL A 52 -12.33 22.36 -10.52
CA VAL A 52 -11.24 22.19 -11.47
C VAL A 52 -11.61 23.06 -12.66
N THR A 53 -10.72 23.96 -13.06
CA THR A 53 -11.05 24.83 -14.19
C THR A 53 -11.21 24.08 -15.49
N GLU A 54 -11.85 24.75 -16.44
CA GLU A 54 -11.72 24.41 -17.85
C GLU A 54 -10.26 24.16 -18.17
N GLY A 55 -9.97 23.26 -19.10
CA GLY A 55 -8.60 23.09 -19.55
C GLY A 55 -7.98 24.44 -19.85
N THR A 56 -6.78 24.66 -19.33
CA THR A 56 -6.09 25.93 -19.50
CA THR A 56 -6.09 25.93 -19.53
C THR A 56 -4.66 25.66 -19.99
N PRO A 57 -4.38 25.99 -21.25
CA PRO A 57 -3.07 25.59 -21.78
C PRO A 57 -1.85 26.28 -21.20
N ILE A 58 -0.77 25.50 -21.11
CA ILE A 58 0.51 25.95 -20.61
C ILE A 58 1.26 26.84 -21.61
N SER A 59 0.79 26.85 -22.86
CA SER A 59 1.47 27.56 -23.93
C SER A 59 0.50 27.67 -25.11
N GLN A 60 0.82 28.52 -26.08
CA GLN A 60 -0.02 28.62 -27.26
C GLN A 60 0.06 27.31 -28.04
N GLN A 61 1.24 26.70 -28.04
CA GLN A 61 1.42 25.41 -28.71
C GLN A 61 0.44 24.37 -28.14
N GLY A 62 0.15 24.50 -26.84
CA GLY A 62 -0.78 23.60 -26.20
C GLY A 62 -2.26 23.90 -26.41
N GLN A 63 -2.59 24.94 -27.18
CA GLN A 63 -3.99 25.30 -27.48
C GLN A 63 -4.55 24.47 -28.63
N GLY A 64 -5.79 24.01 -28.48
CA GLY A 64 -6.46 23.26 -29.51
C GLY A 64 -7.81 23.84 -29.93
N TYR A 65 -8.32 24.83 -29.19
CA TYR A 65 -9.63 25.44 -29.50
C TYR A 65 -9.57 26.94 -29.32
N ALA A 66 -10.50 27.64 -29.97
CA ALA A 66 -10.54 29.09 -29.89
C ALA A 66 -11.06 29.59 -28.55
N ASP A 67 -10.56 30.76 -28.14
CA ASP A 67 -11.11 31.50 -27.01
C ASP A 67 -11.04 30.72 -25.70
N VAL A 68 -9.95 29.97 -25.55
CA VAL A 68 -9.68 29.22 -24.33
C VAL A 68 -8.65 29.97 -23.50
N PRO A 69 -8.92 30.16 -22.20
CA PRO A 69 -7.96 30.91 -21.39
C PRO A 69 -6.69 30.10 -21.16
N GLY A 70 -5.54 30.77 -21.17
CA GLY A 70 -4.27 30.10 -20.96
C GLY A 70 -3.56 30.59 -19.69
N LEU A 71 -2.34 30.09 -19.48
CA LEU A 71 -1.53 30.51 -18.35
C LEU A 71 -0.21 31.10 -18.80
N TYR A 72 -0.14 31.49 -20.08
CA TYR A 72 1.12 31.91 -20.68
C TYR A 72 1.26 33.42 -20.95
N LYS A 73 0.17 34.16 -20.86
CA LYS A 73 0.23 35.61 -21.00
C LYS A 73 0.16 36.27 -19.62
N ARG A 74 0.89 37.36 -19.43
CA ARG A 74 0.86 38.09 -18.16
C ARG A 74 -0.59 38.50 -17.86
N GLU A 75 -1.30 38.96 -18.89
CA GLU A 75 -2.69 39.38 -18.75
C GLU A 75 -3.61 38.24 -18.33
N ALA A 76 -3.28 37.02 -18.76
CA ALA A 76 -4.07 35.85 -18.40
C ALA A 76 -3.89 35.53 -16.92
N ILE A 77 -2.65 35.64 -16.43
CA ILE A 77 -2.39 35.40 -15.01
CA ILE A 77 -2.37 35.41 -15.02
C ILE A 77 -3.17 36.40 -14.18
N GLU A 78 -3.17 37.66 -14.59
CA GLU A 78 -3.95 38.67 -13.88
C GLU A 78 -5.45 38.36 -13.90
N GLY A 79 -5.96 37.93 -15.06
CA GLY A 79 -7.36 37.57 -15.17
C GLY A 79 -7.73 36.40 -14.27
N TRP A 80 -6.85 35.39 -14.22
CA TRP A 80 -7.09 34.26 -13.34
C TRP A 80 -7.08 34.65 -11.87
N LYS A 81 -6.23 35.61 -11.51
CA LYS A 81 -6.12 36.01 -10.11
C LYS A 81 -7.45 36.56 -9.61
N LYS A 82 -8.16 37.32 -10.46
CA LYS A 82 -9.46 37.83 -10.07
CA LYS A 82 -9.47 37.83 -10.08
C LYS A 82 -10.42 36.67 -9.84
N ILE A 83 -10.32 35.64 -10.67
CA ILE A 83 -11.16 34.47 -10.54
C ILE A 83 -10.91 33.71 -9.24
N THR A 84 -9.64 33.42 -8.93
CA THR A 84 -9.34 32.64 -7.73
C THR A 84 -9.65 33.44 -6.45
N ASP A 85 -9.39 34.73 -6.49
CA ASP A 85 -9.75 35.60 -5.36
C ASP A 85 -11.25 35.53 -5.10
N GLY A 86 -12.03 35.63 -6.17
CA GLY A 86 -13.47 35.57 -6.06
C GLY A 86 -13.96 34.26 -5.49
N VAL A 87 -13.41 33.16 -6.00
CA VAL A 87 -13.76 31.83 -5.49
C VAL A 87 -13.38 31.67 -4.02
N HIS A 88 -12.18 32.12 -3.65
CA HIS A 88 -11.75 32.02 -2.27
C HIS A 88 -12.62 32.84 -1.33
N SER A 89 -12.97 34.06 -1.76
CA SER A 89 -13.81 34.92 -0.94
C SER A 89 -15.19 34.30 -0.72
N ALA A 90 -15.60 33.45 -1.65
CA ALA A 90 -16.89 32.79 -1.56
C ALA A 90 -16.78 31.43 -0.84
N GLY A 91 -15.60 31.13 -0.31
CA GLY A 91 -15.40 29.93 0.49
C GLY A 91 -15.03 28.70 -0.30
N GLY A 92 -14.53 28.91 -1.52
CA GLY A 92 -14.18 27.78 -2.36
C GLY A 92 -12.69 27.50 -2.47
N LYS A 93 -12.38 26.45 -3.21
CA LYS A 93 -11.00 26.09 -3.56
C LYS A 93 -10.99 25.76 -5.03
N ILE A 94 -9.86 25.99 -5.69
CA ILE A 94 -9.84 25.88 -7.13
C ILE A 94 -8.45 25.51 -7.63
N VAL A 95 -8.41 24.54 -8.55
CA VAL A 95 -7.15 24.14 -9.18
C VAL A 95 -7.24 24.35 -10.69
N ALA A 96 -6.13 24.72 -11.29
CA ALA A 96 -6.05 24.95 -12.73
C ALA A 96 -5.78 23.63 -13.45
N GLN A 97 -6.61 23.30 -14.44
CA GLN A 97 -6.34 22.10 -15.23
C GLN A 97 -5.35 22.45 -16.33
N ILE A 98 -4.09 22.24 -16.03
CA ILE A 98 -3.04 22.67 -16.96
C ILE A 98 -2.96 21.71 -18.15
N TRP A 99 -3.00 22.29 -19.35
CA TRP A 99 -3.37 21.52 -20.53
C TRP A 99 -2.35 21.63 -21.64
N HIS A 100 -2.13 20.52 -22.34
CA HIS A 100 -1.52 20.54 -23.67
C HIS A 100 -2.30 19.57 -24.55
N VAL A 101 -2.85 20.08 -25.66
CA VAL A 101 -3.70 19.28 -26.54
C VAL A 101 -2.97 18.32 -27.47
N GLY A 102 -1.65 18.49 -27.63
CA GLY A 102 -0.92 17.66 -28.58
C GLY A 102 -1.50 17.79 -29.98
N ARG A 103 -1.79 16.66 -30.61
CA ARG A 103 -2.23 16.68 -32.02
C ARG A 103 -3.62 17.27 -32.24
N ILE A 104 -4.36 17.52 -31.16
CA ILE A 104 -5.73 18.00 -31.29
C ILE A 104 -5.74 19.53 -31.36
N SER A 105 -5.37 20.05 -32.53
CA SER A 105 -5.30 21.50 -32.71
C SER A 105 -5.36 21.84 -34.19
N HIS A 106 -5.15 23.11 -34.51
CA HIS A 106 -5.23 23.58 -35.89
C HIS A 106 -4.13 24.62 -36.10
N THR A 107 -3.59 24.66 -37.32
CA THR A 107 -2.47 25.57 -37.58
C THR A 107 -2.80 27.01 -37.22
N SER A 108 -4.08 27.38 -37.36
CA SER A 108 -4.45 28.78 -37.15
C SER A 108 -4.34 29.18 -35.69
N LEU A 109 -4.23 28.19 -34.81
CA LEU A 109 -4.14 28.41 -33.36
C LEU A 109 -2.72 28.32 -32.83
N GLN A 110 -1.83 27.80 -33.67
CA GLN A 110 -0.45 27.51 -33.26
C GLN A 110 0.50 28.68 -33.50
N PRO A 111 1.54 28.78 -32.67
CA PRO A 111 2.54 29.81 -32.97
C PRO A 111 3.16 29.58 -34.33
N HIS A 112 3.38 30.68 -35.06
CA HIS A 112 3.97 30.62 -36.40
C HIS A 112 3.08 29.90 -37.41
N GLY A 113 1.82 29.64 -37.03
CA GLY A 113 0.92 28.93 -37.92
C GLY A 113 1.39 27.50 -38.11
N GLY A 114 2.05 26.97 -37.09
CA GLY A 114 2.71 25.68 -37.18
C GLY A 114 1.83 24.45 -37.03
N GLN A 115 2.42 23.31 -37.31
CA GLN A 115 1.78 22.03 -37.10
C GLN A 115 1.65 21.76 -35.62
N PRO A 116 0.47 21.26 -35.21
CA PRO A 116 0.35 20.77 -33.84
C PRO A 116 1.44 19.73 -33.60
N VAL A 117 1.85 19.55 -32.33
CA VAL A 117 2.91 18.59 -32.02
C VAL A 117 2.33 17.36 -31.31
N ALA A 118 3.02 16.23 -31.47
CA ALA A 118 2.52 14.96 -30.96
C ALA A 118 3.66 13.97 -30.87
N PRO A 119 3.47 12.87 -30.12
CA PRO A 119 4.56 11.87 -30.11
C PRO A 119 4.82 11.27 -31.48
N SER A 120 3.77 11.07 -32.27
CA SER A 120 3.91 10.55 -33.64
C SER A 120 3.05 11.34 -34.62
N ALA A 121 3.49 11.41 -35.87
CA ALA A 121 2.78 12.18 -36.89
C ALA A 121 1.58 11.42 -37.44
N ILE A 122 0.57 11.25 -36.58
CA ILE A 122 -0.66 10.57 -36.98
C ILE A 122 -1.80 11.56 -36.78
N THR A 123 -2.44 11.95 -37.86
CA THR A 123 -3.50 12.94 -37.80
C THR A 123 -4.73 12.35 -37.12
N ALA A 124 -5.30 13.10 -36.19
CA ALA A 124 -6.54 12.69 -35.55
C ALA A 124 -7.73 12.99 -36.44
N LYS A 125 -8.66 12.04 -36.50
CA LYS A 125 -9.96 12.29 -37.11
CA LYS A 125 -9.95 12.32 -37.11
C LYS A 125 -10.84 12.97 -36.07
N SER A 126 -10.57 14.25 -35.82
CA SER A 126 -11.26 15.03 -34.82
C SER A 126 -11.46 16.45 -35.31
N LYS A 127 -12.23 17.24 -34.56
CA LYS A 127 -12.60 18.58 -34.99
C LYS A 127 -12.25 19.60 -33.92
N THR A 128 -11.97 20.82 -34.33
CA THR A 128 -11.71 21.86 -33.35
C THR A 128 -12.65 23.04 -33.48
N TYR A 129 -12.98 23.62 -32.33
CA TYR A 129 -13.75 24.85 -32.27
C TYR A 129 -12.84 26.01 -32.66
N ILE A 130 -13.07 26.57 -33.83
N ILE A 130 -13.11 26.60 -33.82
CA ILE A 130 -12.34 27.77 -34.24
CA ILE A 130 -12.34 27.72 -34.33
C ILE A 130 -13.31 28.84 -34.68
C ILE A 130 -13.28 28.83 -34.79
N ILE A 131 -12.88 30.09 -34.57
CA ILE A 131 -13.73 31.22 -34.95
C ILE A 131 -13.41 31.69 -36.37
N ASN A 132 -14.36 31.51 -37.28
CA ASN A 132 -14.21 31.97 -38.64
C ASN A 132 -13.59 33.36 -38.64
N ASP A 133 -12.54 33.54 -39.43
CA ASP A 133 -11.93 34.86 -39.56
C ASP A 133 -13.04 35.90 -39.73
N ASP A 134 -14.01 35.59 -40.59
N ASP A 134 -14.01 35.58 -40.58
CA ASP A 134 -15.17 36.45 -40.75
CA ASP A 134 -15.17 36.45 -40.78
C ASP A 134 -16.45 35.74 -40.33
C ASP A 134 -16.46 35.76 -40.34
N GLY A 135 -16.55 35.46 -39.04
CA GLY A 135 -17.77 34.91 -38.45
C GLY A 135 -18.26 33.55 -38.88
N THR A 136 -18.37 32.60 -37.95
CA THR A 136 -17.89 32.69 -36.56
C THR A 136 -18.23 31.38 -35.83
N GLY A 137 -17.26 30.49 -35.72
CA GLY A 137 -17.42 29.30 -34.91
C GLY A 137 -17.53 27.95 -35.61
N ALA A 138 -16.39 27.36 -35.94
CA ALA A 138 -16.32 25.96 -36.34
C ALA A 138 -16.87 25.68 -37.74
N PHE A 139 -16.56 24.52 -38.33
CA PHE A 139 -15.65 23.52 -37.76
C PHE A 139 -14.53 23.20 -38.74
N ALA A 140 -13.34 22.95 -38.22
CA ALA A 140 -12.25 22.52 -39.07
C ALA A 140 -11.75 21.18 -38.58
N GLU A 141 -11.28 20.35 -39.51
CA GLU A 141 -10.60 19.12 -39.15
C GLU A 141 -9.30 19.51 -38.47
N THR A 142 -8.88 18.76 -37.46
CA THR A 142 -7.59 19.05 -36.83
C THR A 142 -6.48 18.89 -37.85
N SER A 143 -5.40 19.62 -37.62
CA SER A 143 -4.28 19.68 -38.58
CA SER A 143 -4.30 19.67 -38.59
C SER A 143 -3.34 18.49 -38.45
N GLU A 144 -2.57 18.24 -39.50
CA GLU A 144 -1.55 17.20 -39.46
C GLU A 144 -0.48 17.57 -38.45
N PRO A 145 -0.17 16.65 -37.53
CA PRO A 145 0.82 16.97 -36.50
C PRO A 145 2.24 16.56 -36.89
N ARG A 146 3.19 17.20 -36.23
CA ARG A 146 4.60 16.90 -36.38
CA ARG A 146 4.59 16.86 -36.40
C ARG A 146 5.08 16.11 -35.17
N ALA A 147 5.92 15.09 -35.41
CA ALA A 147 6.44 14.27 -34.31
C ALA A 147 7.47 15.04 -33.48
N LEU A 148 7.31 14.98 -32.17
CA LEU A 148 8.18 15.72 -31.26
C LEU A 148 9.59 15.16 -31.27
N THR A 149 10.58 16.05 -31.25
CA THR A 149 11.95 15.61 -31.01
C THR A 149 12.21 15.58 -29.51
N ILE A 150 13.33 14.97 -29.13
CA ILE A 150 13.73 14.98 -27.73
C ILE A 150 13.87 16.40 -27.20
N ASP A 151 14.46 17.28 -28.01
CA ASP A 151 14.59 18.68 -27.60
C ASP A 151 13.22 19.34 -27.41
N ASP A 152 12.31 19.07 -28.33
CA ASP A 152 10.94 19.60 -28.23
C ASP A 152 10.29 19.17 -26.92
N ILE A 153 10.51 17.91 -26.54
CA ILE A 153 9.93 17.37 -25.30
C ILE A 153 10.47 18.14 -24.10
N GLY A 154 11.77 18.43 -24.12
CA GLY A 154 12.36 19.22 -23.05
C GLY A 154 11.73 20.59 -22.92
N LEU A 155 11.45 21.21 -24.06
CA LEU A 155 10.80 22.52 -24.06
C LEU A 155 9.39 22.44 -23.48
N ILE A 156 8.67 21.37 -23.78
CA ILE A 156 7.33 21.22 -23.22
C ILE A 156 7.36 21.01 -21.71
N LEU A 157 8.32 20.22 -21.23
CA LEU A 157 8.46 20.03 -19.79
C LEU A 157 8.69 21.39 -19.11
N GLU A 158 9.53 22.23 -19.71
CA GLU A 158 9.74 23.57 -19.16
C GLU A 158 8.44 24.39 -19.18
N ASP A 159 7.64 24.25 -20.22
CA ASP A 159 6.33 24.90 -20.27
C ASP A 159 5.41 24.42 -19.15
N TYR A 160 5.48 23.14 -18.80
CA TYR A 160 4.72 22.65 -17.65
C TYR A 160 5.22 23.28 -16.35
N ARG A 161 6.54 23.46 -16.23
CA ARG A 161 7.06 24.12 -15.03
C ARG A 161 6.55 25.55 -14.96
N SER A 162 6.63 26.25 -16.09
CA SER A 162 6.16 27.64 -16.19
C SER A 162 4.67 27.74 -15.90
N GLY A 163 3.89 26.82 -16.46
CA GLY A 163 2.46 26.82 -16.28
C GLY A 163 2.06 26.59 -14.83
N ALA A 164 2.72 25.65 -14.18
CA ALA A 164 2.44 25.37 -12.78
C ALA A 164 2.82 26.58 -11.93
N ARG A 165 3.95 27.19 -12.23
CA ARG A 165 4.38 28.41 -11.55
C ARG A 165 3.34 29.51 -11.74
N ALA A 166 2.86 29.66 -12.96
CA ALA A 166 1.85 30.67 -13.28
C ALA A 166 0.55 30.42 -12.51
N ALA A 167 0.17 29.16 -12.39
CA ALA A 167 -1.04 28.82 -11.65
C ALA A 167 -0.93 29.29 -10.20
N LEU A 168 0.22 29.05 -9.58
CA LEU A 168 0.42 29.51 -8.20
C LEU A 168 0.43 31.03 -8.11
N GLU A 169 1.05 31.69 -9.09
CA GLU A 169 1.07 33.15 -9.12
C GLU A 169 -0.33 33.71 -9.23
N ALA A 170 -1.19 32.99 -9.95
CA ALA A 170 -2.59 33.40 -10.15
C ALA A 170 -3.47 33.02 -8.98
N GLY A 171 -2.87 32.45 -7.95
CA GLY A 171 -3.62 32.20 -6.73
C GLY A 171 -4.39 30.90 -6.69
N PHE A 172 -4.12 29.99 -7.61
CA PHE A 172 -4.74 28.67 -7.54
C PHE A 172 -4.26 27.90 -6.32
N ASP A 173 -5.11 27.01 -5.83
CA ASP A 173 -4.72 26.15 -4.72
C ASP A 173 -3.83 24.99 -5.16
N GLY A 174 -3.73 24.79 -6.47
CA GLY A 174 -2.95 23.69 -7.00
C GLY A 174 -3.30 23.52 -8.47
N VAL A 175 -2.89 22.41 -9.06
CA VAL A 175 -3.21 22.14 -10.46
C VAL A 175 -3.65 20.71 -10.64
N GLU A 176 -4.45 20.49 -11.68
CA GLU A 176 -4.73 19.15 -12.18
C GLU A 176 -4.06 19.02 -13.52
N ILE A 177 -3.12 18.11 -13.62
CA ILE A 177 -2.47 17.88 -14.91
C ILE A 177 -3.48 17.17 -15.81
N HIS A 178 -3.78 17.78 -16.95
CA HIS A 178 -4.67 17.13 -17.91
C HIS A 178 -3.94 16.00 -18.64
N ALA A 179 -4.17 14.77 -18.18
CA ALA A 179 -3.54 13.61 -18.81
C ALA A 179 -4.60 12.68 -19.37
N ALA A 180 -5.70 13.26 -19.79
CA ALA A 180 -6.85 12.48 -20.23
C ALA A 180 -7.36 12.88 -21.62
N ASN A 181 -8.45 12.24 -22.02
CA ASN A 181 -9.25 12.60 -23.19
C ASN A 181 -8.48 12.77 -24.50
N GLY A 182 -7.46 11.93 -24.69
CA GLY A 182 -6.75 11.88 -25.95
C GLY A 182 -5.84 13.06 -26.23
N TYR A 183 -5.47 13.83 -25.20
CA TYR A 183 -4.60 14.97 -25.43
C TYR A 183 -3.12 14.56 -25.33
N LEU A 184 -2.21 15.53 -25.23
CA LEU A 184 -0.79 15.22 -25.45
C LEU A 184 -0.28 14.07 -24.60
N ILE A 185 -0.53 14.13 -23.30
CA ILE A 185 0.05 13.11 -22.42
C ILE A 185 -0.51 11.73 -22.77
N GLU A 186 -1.82 11.67 -23.04
CA GLU A 186 -2.43 10.39 -23.41
C GLU A 186 -1.97 9.89 -24.77
N GLN A 187 -1.68 10.83 -25.67
CA GLN A 187 -1.12 10.47 -26.97
C GLN A 187 0.17 9.69 -26.79
N PHE A 188 1.01 10.08 -25.84
CA PHE A 188 2.19 9.29 -25.51
C PHE A 188 1.84 7.95 -24.85
N LEU A 189 0.85 7.96 -23.95
CA LEU A 189 0.47 6.75 -23.21
CA LEU A 189 0.50 6.76 -23.21
C LEU A 189 -0.09 5.63 -24.08
N LYS A 190 -1.00 5.99 -24.97
CA LYS A 190 -1.77 5.00 -25.72
C LYS A 190 -1.16 4.56 -27.04
N SER A 191 -1.36 3.30 -27.39
CA SER A 191 -0.67 2.71 -28.53
CA SER A 191 -0.69 2.69 -28.53
C SER A 191 -1.07 3.26 -29.89
N SER A 192 -2.32 3.67 -30.06
CA SER A 192 -2.74 4.11 -31.39
C SER A 192 -2.05 5.42 -31.80
N THR A 193 -1.58 6.18 -30.82
CA THR A 193 -1.04 7.51 -31.10
C THR A 193 0.48 7.57 -30.99
N ASN A 194 1.07 6.51 -30.44
CA ASN A 194 2.50 6.52 -30.16
C ASN A 194 3.17 5.37 -30.90
N GLN A 195 3.88 5.69 -31.97
CA GLN A 195 4.64 4.69 -32.73
C GLN A 195 6.13 4.99 -32.65
N ARG A 196 6.53 5.71 -31.62
CA ARG A 196 7.94 6.07 -31.46
C ARG A 196 8.81 4.87 -31.25
N THR A 197 10.07 4.99 -31.69
CA THR A 197 11.05 3.93 -31.52
C THR A 197 12.14 4.32 -30.52
N ASP A 198 11.99 5.47 -29.86
CA ASP A 198 12.94 5.90 -28.85
C ASP A 198 12.47 5.56 -27.42
N ASP A 199 13.06 6.21 -26.42
CA ASP A 199 12.73 5.91 -25.02
C ASP A 199 11.31 6.31 -24.63
N TYR A 200 10.59 6.98 -25.52
CA TYR A 200 9.21 7.39 -25.22
C TYR A 200 8.16 6.52 -25.89
N GLY A 201 8.60 5.48 -26.59
CA GLY A 201 7.67 4.61 -27.30
C GLY A 201 7.89 3.14 -27.00
N GLY A 202 6.88 2.31 -27.30
CA GLY A 202 7.02 0.87 -27.20
C GLY A 202 6.46 0.31 -25.91
N SER A 203 7.37 0.02 -24.96
CA SER A 203 6.99 -0.58 -23.68
C SER A 203 6.07 0.33 -22.89
N ILE A 204 5.35 -0.26 -21.95
CA ILE A 204 4.52 0.51 -21.02
C ILE A 204 5.37 1.55 -20.30
N GLU A 205 6.54 1.13 -19.82
CA GLU A 205 7.44 1.99 -19.12
CA GLU A 205 7.44 2.02 -19.11
C GLU A 205 7.81 3.22 -19.96
N ASN A 206 8.09 2.99 -21.24
CA ASN A 206 8.46 4.08 -22.14
C ASN A 206 7.28 4.99 -22.44
N ARG A 207 6.10 4.40 -22.62
CA ARG A 207 4.94 5.21 -22.99
C ARG A 207 4.45 6.07 -21.82
N ALA A 208 4.69 5.61 -20.60
CA ALA A 208 4.32 6.37 -19.41
C ALA A 208 5.41 7.37 -19.03
N ARG A 209 6.55 7.30 -19.69
CA ARG A 209 7.71 8.13 -19.31
C ARG A 209 7.36 9.62 -19.30
N PHE A 210 6.72 10.07 -20.37
CA PHE A 210 6.38 11.48 -20.49
C PHE A 210 5.42 11.94 -19.39
N LEU A 211 4.34 11.17 -19.17
CA LEU A 211 3.41 11.48 -18.10
C LEU A 211 4.15 11.67 -16.78
N LEU A 212 5.05 10.75 -16.47
CA LEU A 212 5.76 10.79 -15.20
C LEU A 212 6.76 11.95 -15.12
N GLU A 213 7.37 12.31 -16.25
CA GLU A 213 8.25 13.47 -16.29
CA GLU A 213 8.25 13.47 -16.26
C GLU A 213 7.45 14.75 -16.05
N VAL A 214 6.24 14.80 -16.60
CA VAL A 214 5.41 15.98 -16.41
C VAL A 214 5.03 16.08 -14.94
N VAL A 215 4.57 14.97 -14.37
CA VAL A 215 4.21 14.96 -12.96
C VAL A 215 5.40 15.39 -12.11
N ASP A 216 6.57 14.82 -12.36
CA ASP A 216 7.70 15.15 -11.52
C ASP A 216 8.13 16.62 -11.67
N ALA A 217 8.00 17.17 -12.88
CA ALA A 217 8.36 18.55 -13.12
C ALA A 217 7.40 19.49 -12.38
N VAL A 218 6.12 19.19 -12.48
CA VAL A 218 5.09 20.03 -11.86
C VAL A 218 5.18 19.93 -10.33
N ALA A 219 5.31 18.70 -9.83
CA ALA A 219 5.39 18.50 -8.39
C ALA A 219 6.62 19.18 -7.79
N GLU A 220 7.75 19.13 -8.51
N GLU A 220 7.75 19.14 -8.48
CA GLU A 220 8.97 19.81 -8.06
CA GLU A 220 8.91 19.83 -7.95
C GLU A 220 8.76 21.32 -7.97
C GLU A 220 8.62 21.32 -7.87
N GLU A 221 7.98 21.86 -8.90
CA GLU A 221 7.77 23.31 -8.97
C GLU A 221 6.82 23.85 -7.90
N ILE A 222 5.68 23.20 -7.73
CA ILE A 222 4.66 23.73 -6.82
C ILE A 222 4.39 22.88 -5.59
N GLY A 223 5.01 21.69 -5.55
CA GLY A 223 4.81 20.76 -4.46
C GLY A 223 3.86 19.63 -4.84
N ALA A 224 4.24 18.41 -4.52
CA ALA A 224 3.40 17.27 -4.79
C ALA A 224 2.03 17.41 -4.14
N GLY A 225 1.99 18.03 -2.97
CA GLY A 225 0.74 18.17 -2.24
C GLY A 225 -0.22 19.17 -2.85
N ARG A 226 0.21 19.84 -3.92
CA ARG A 226 -0.68 20.74 -4.65
C ARG A 226 -0.84 20.26 -6.09
N THR A 227 -0.44 19.02 -6.34
CA THR A 227 -0.46 18.46 -7.68
C THR A 227 -1.40 17.26 -7.80
N GLY A 228 -2.35 17.34 -8.72
CA GLY A 228 -3.20 16.22 -9.05
C GLY A 228 -3.11 15.92 -10.53
N ILE A 229 -3.84 14.91 -10.99
CA ILE A 229 -3.76 14.50 -12.38
C ILE A 229 -5.07 13.84 -12.79
N ARG A 230 -5.51 14.09 -14.02
CA ARG A 230 -6.72 13.45 -14.53
C ARG A 230 -6.38 12.36 -15.53
N LEU A 231 -7.00 11.19 -15.37
CA LEU A 231 -6.74 10.04 -16.21
C LEU A 231 -8.06 9.49 -16.75
N SER A 232 -7.99 8.87 -17.92
CA SER A 232 -9.19 8.33 -18.57
C SER A 232 -8.83 7.08 -19.35
N PRO A 233 -8.77 5.94 -18.65
CA PRO A 233 -8.18 4.72 -19.22
C PRO A 233 -8.82 4.25 -20.53
N VAL A 234 -10.13 4.39 -20.71
CA VAL A 234 -10.75 3.77 -21.88
C VAL A 234 -11.45 4.71 -22.85
N THR A 235 -11.37 6.01 -22.60
CA THR A 235 -12.18 6.94 -23.36
C THR A 235 -11.80 6.95 -24.84
N PRO A 236 -12.79 7.00 -25.72
CA PRO A 236 -12.47 7.04 -27.14
C PRO A 236 -12.33 8.49 -27.65
N ALA A 237 -12.36 9.45 -26.73
CA ALA A 237 -12.23 10.86 -27.11
C ALA A 237 -11.06 11.12 -28.03
N ASN A 238 -11.28 11.99 -29.01
CA ASN A 238 -10.21 12.45 -29.88
C ASN A 238 -9.46 11.34 -30.60
N ASP A 239 -10.23 10.34 -31.01
CA ASP A 239 -9.81 9.35 -31.99
C ASP A 239 -8.71 8.43 -31.46
N ILE A 240 -8.63 8.29 -30.15
CA ILE A 240 -7.54 7.53 -29.54
C ILE A 240 -7.99 6.11 -29.18
N PHE A 241 -7.03 5.19 -29.15
CA PHE A 241 -7.33 3.77 -28.92
C PHE A 241 -6.18 3.08 -28.20
N GLU A 242 -6.53 2.25 -27.22
CA GLU A 242 -5.57 1.41 -26.50
C GLU A 242 -6.25 0.07 -26.24
N ALA A 243 -5.64 -1.01 -26.70
CA ALA A 243 -6.29 -2.31 -26.61
C ALA A 243 -6.07 -3.03 -25.28
N ASP A 244 -5.08 -2.59 -24.51
CA ASP A 244 -4.71 -3.29 -23.28
C ASP A 244 -4.45 -2.27 -22.18
N PRO A 245 -5.48 -1.54 -21.78
CA PRO A 245 -5.24 -0.44 -20.83
C PRO A 245 -4.92 -0.87 -19.39
N GLN A 246 -5.29 -2.08 -18.97
CA GLN A 246 -5.09 -2.41 -17.56
C GLN A 246 -3.61 -2.40 -17.14
N PRO A 247 -2.75 -3.14 -17.86
CA PRO A 247 -1.35 -3.14 -17.43
C PRO A 247 -0.74 -1.75 -17.51
N LEU A 248 -1.10 -1.01 -18.55
CA LEU A 248 -0.60 0.34 -18.78
C LEU A 248 -1.00 1.26 -17.64
N TYR A 249 -2.29 1.31 -17.35
CA TYR A 249 -2.79 2.22 -16.32
C TYR A 249 -2.47 1.78 -14.89
N ASN A 250 -2.45 0.47 -14.65
CA ASN A 250 -2.02 0.01 -13.34
C ASN A 250 -0.57 0.45 -13.11
N TYR A 251 0.28 0.32 -14.13
CA TYR A 251 1.67 0.79 -14.00
C TYR A 251 1.71 2.28 -13.71
N VAL A 252 0.93 3.05 -14.47
CA VAL A 252 0.90 4.50 -14.23
C VAL A 252 0.58 4.83 -12.77
N VAL A 253 -0.49 4.25 -12.21
CA VAL A 253 -0.82 4.58 -10.83
C VAL A 253 0.10 3.94 -9.79
N GLU A 254 0.74 2.83 -10.14
CA GLU A 254 1.77 2.30 -9.24
C GLU A 254 2.87 3.34 -9.09
N GLN A 255 3.19 4.00 -10.19
CA GLN A 255 4.23 5.03 -10.16
C GLN A 255 3.75 6.29 -9.48
N LEU A 256 2.53 6.72 -9.79
CA LEU A 256 1.96 7.88 -9.13
C LEU A 256 1.82 7.65 -7.63
N GLY A 257 1.63 6.39 -7.24
CA GLY A 257 1.48 6.06 -5.82
C GLY A 257 2.71 6.36 -4.98
N LYS A 258 3.85 6.56 -5.64
CA LYS A 258 5.12 6.82 -4.96
C LYS A 258 5.41 8.32 -4.85
N ARG A 259 4.51 9.14 -5.40
CA ARG A 259 4.83 10.55 -5.60
C ARG A 259 4.09 11.57 -4.72
N ASN A 260 3.34 11.08 -3.72
CA ASN A 260 2.73 11.97 -2.73
C ASN A 260 1.82 13.04 -3.31
N LEU A 261 1.06 12.67 -4.34
CA LEU A 261 0.17 13.62 -5.02
C LEU A 261 -1.08 13.95 -4.20
N ALA A 262 -1.70 15.07 -4.54
CA ALA A 262 -2.89 15.53 -3.83
C ALA A 262 -4.15 14.74 -4.21
N PHE A 263 -4.28 14.41 -5.49
CA PHE A 263 -5.48 13.72 -5.96
C PHE A 263 -5.27 13.07 -7.32
N ILE A 264 -6.05 12.01 -7.54
CA ILE A 264 -6.16 11.35 -8.82
C ILE A 264 -7.61 11.50 -9.24
N HIS A 265 -7.84 12.02 -10.44
CA HIS A 265 -9.19 12.27 -10.93
C HIS A 265 -9.39 11.31 -12.10
N VAL A 266 -10.34 10.38 -11.95
CA VAL A 266 -10.55 9.34 -12.96
CA VAL A 266 -10.53 9.37 -12.98
C VAL A 266 -11.86 9.49 -13.71
N VAL A 267 -11.77 9.53 -15.04
CA VAL A 267 -12.94 9.46 -15.89
C VAL A 267 -13.25 7.98 -16.09
N GLU A 268 -14.40 7.53 -15.57
CA GLU A 268 -14.77 6.13 -15.62
C GLU A 268 -15.64 5.88 -16.85
N GLY A 269 -15.05 5.25 -17.88
CA GLY A 269 -15.76 4.97 -19.13
C GLY A 269 -15.46 5.94 -20.26
N ALA A 270 -16.33 5.98 -21.26
CA ALA A 270 -16.17 6.96 -22.32
C ALA A 270 -16.57 8.34 -21.80
N THR A 271 -15.75 9.34 -22.07
CA THR A 271 -16.03 10.69 -21.54
C THR A 271 -17.35 11.17 -22.11
N GLY A 272 -18.31 11.43 -21.22
CA GLY A 272 -19.64 11.82 -21.64
C GLY A 272 -20.49 10.70 -22.21
N GLY A 273 -19.96 9.48 -22.16
CA GLY A 273 -20.65 8.30 -22.67
C GLY A 273 -20.75 7.19 -21.63
N PRO A 274 -20.94 5.94 -22.09
CA PRO A 274 -21.18 4.82 -21.16
C PRO A 274 -20.04 4.57 -20.19
N ARG A 275 -20.40 4.40 -18.92
CA ARG A 275 -19.45 4.08 -17.87
C ARG A 275 -18.78 2.71 -18.06
N ASP A 276 -19.44 1.83 -18.80
CA ASP A 276 -18.90 0.48 -19.02
C ASP A 276 -18.21 0.34 -20.37
N PHE A 277 -17.94 1.46 -21.02
CA PHE A 277 -17.26 1.44 -22.31
C PHE A 277 -15.93 0.69 -22.22
N LYS A 278 -15.61 -0.07 -23.26
CA LYS A 278 -14.25 -0.59 -23.38
C LYS A 278 -13.80 -0.57 -24.82
N GLN A 279 -12.48 -0.58 -25.02
CA GLN A 279 -11.92 -0.66 -26.36
C GLN A 279 -11.37 -2.06 -26.67
N GLY A 280 -10.51 -2.57 -25.80
CA GLY A 280 -9.92 -3.87 -26.06
C GLY A 280 -10.92 -5.01 -25.91
N ASP A 281 -10.37 -6.21 -25.73
CA ASP A 281 -11.19 -7.40 -25.56
C ASP A 281 -11.78 -7.49 -24.16
N LYS A 282 -11.05 -6.96 -23.18
CA LYS A 282 -11.43 -7.13 -21.77
C LYS A 282 -11.94 -5.83 -21.15
N PRO A 283 -12.93 -5.93 -20.25
CA PRO A 283 -13.40 -4.73 -19.53
C PRO A 283 -12.31 -4.20 -18.61
N PHE A 284 -12.29 -2.90 -18.38
CA PHE A 284 -11.35 -2.30 -17.45
C PHE A 284 -11.86 -2.54 -16.02
N ASP A 285 -10.95 -2.87 -15.10
CA ASP A 285 -11.29 -3.15 -13.71
C ASP A 285 -10.88 -1.93 -12.88
N TYR A 286 -11.85 -1.10 -12.52
CA TYR A 286 -11.57 0.14 -11.83
C TYR A 286 -11.13 -0.12 -10.40
N ALA A 287 -11.59 -1.21 -9.80
CA ALA A 287 -11.15 -1.54 -8.44
C ALA A 287 -9.69 -1.96 -8.42
N SER A 288 -9.29 -2.77 -9.39
CA SER A 288 -7.88 -3.15 -9.55
C SER A 288 -6.99 -1.93 -9.79
N PHE A 289 -7.50 -1.00 -10.58
CA PHE A 289 -6.79 0.25 -10.89
C PHE A 289 -6.54 1.05 -9.61
N LYS A 290 -7.60 1.27 -8.85
CA LYS A 290 -7.46 1.99 -7.58
C LYS A 290 -6.53 1.22 -6.61
N ALA A 291 -6.64 -0.10 -6.60
CA ALA A 291 -5.82 -0.90 -5.71
C ALA A 291 -4.35 -0.74 -6.06
N ALA A 292 -4.04 -0.65 -7.35
CA ALA A 292 -2.65 -0.48 -7.77
C ALA A 292 -2.09 0.84 -7.23
N TYR A 293 -2.93 1.88 -7.19
CA TYR A 293 -2.53 3.14 -6.61
C TYR A 293 -2.30 3.01 -5.10
N ARG A 294 -3.32 2.52 -4.39
CA ARG A 294 -3.26 2.39 -2.94
C ARG A 294 -2.13 1.46 -2.50
N ASN A 295 -1.98 0.33 -3.19
CA ASN A 295 -0.97 -0.65 -2.81
C ASN A 295 0.47 -0.17 -3.04
N ALA A 296 0.63 0.91 -3.81
CA ALA A 296 1.95 1.48 -4.04
C ALA A 296 2.26 2.53 -2.97
N GLY A 297 1.26 2.81 -2.13
CA GLY A 297 1.36 3.83 -1.09
C GLY A 297 0.63 5.11 -1.42
N GLY A 298 -0.18 5.07 -2.48
CA GLY A 298 -0.89 6.26 -2.92
C GLY A 298 -1.91 6.73 -1.90
N LYS A 299 -1.83 8.00 -1.51
CA LYS A 299 -2.74 8.55 -0.51
CA LYS A 299 -2.73 8.55 -0.51
C LYS A 299 -3.52 9.75 -1.03
N GLY A 300 -3.43 10.01 -2.33
CA GLY A 300 -4.19 11.12 -2.91
C GLY A 300 -5.69 10.91 -2.79
N LEU A 301 -6.45 12.00 -2.81
CA LEU A 301 -7.91 11.90 -2.85
C LEU A 301 -8.33 11.26 -4.17
N TRP A 302 -9.19 10.25 -4.10
CA TRP A 302 -9.63 9.56 -5.30
C TRP A 302 -10.94 10.18 -5.78
N ILE A 303 -10.84 10.99 -6.83
CA ILE A 303 -11.99 11.72 -7.36
C ILE A 303 -12.49 11.01 -8.60
N ALA A 304 -13.75 10.61 -8.61
CA ALA A 304 -14.29 9.90 -9.76
C ALA A 304 -15.27 10.76 -10.54
N ASN A 305 -15.35 10.49 -11.85
CA ASN A 305 -16.20 11.25 -12.74
C ASN A 305 -16.83 10.34 -13.80
N ASN A 306 -17.97 10.81 -14.32
CA ASN A 306 -18.60 10.39 -15.57
C ASN A 306 -19.91 9.64 -15.35
N GLY A 307 -21.01 10.34 -15.61
CA GLY A 307 -22.33 9.74 -15.49
C GLY A 307 -22.87 9.57 -14.08
N TYR A 308 -22.26 10.23 -13.11
CA TYR A 308 -22.79 10.19 -11.75
C TYR A 308 -24.03 11.07 -11.67
N ASP A 309 -24.95 10.68 -10.78
CA ASP A 309 -26.01 11.58 -10.35
C ASP A 309 -26.06 11.57 -8.83
N ARG A 310 -27.08 12.20 -8.25
CA ARG A 310 -27.14 12.31 -6.80
C ARG A 310 -26.97 10.96 -6.12
N GLN A 311 -27.82 10.00 -6.49
CA GLN A 311 -27.86 8.73 -5.78
C GLN A 311 -26.59 7.91 -5.97
N SER A 312 -26.05 7.90 -7.19
CA SER A 312 -24.86 7.08 -7.43
C SER A 312 -23.63 7.71 -6.78
N ALA A 313 -23.62 9.04 -6.71
CA ALA A 313 -22.51 9.72 -6.03
C ALA A 313 -22.54 9.48 -4.53
N ILE A 314 -23.73 9.59 -3.94
CA ILE A 314 -23.88 9.34 -2.51
C ILE A 314 -23.44 7.91 -2.19
N GLU A 315 -23.87 6.96 -3.01
CA GLU A 315 -23.57 5.56 -2.74
C GLU A 315 -22.07 5.28 -2.90
N ALA A 316 -21.46 5.87 -3.91
CA ALA A 316 -20.05 5.61 -4.19
C ALA A 316 -19.14 6.18 -3.11
N VAL A 317 -19.51 7.33 -2.57
CA VAL A 317 -18.74 7.89 -1.45
C VAL A 317 -19.01 7.14 -0.14
N GLU A 318 -20.26 6.73 0.10
CA GLU A 318 -20.60 6.06 1.36
C GLU A 318 -19.84 4.75 1.49
N SER A 319 -19.72 4.02 0.38
CA SER A 319 -19.08 2.71 0.39
C SER A 319 -17.57 2.83 0.44
N GLY A 320 -17.07 4.03 0.17
CA GLY A 320 -15.64 4.24 0.08
C GLY A 320 -15.03 3.85 -1.26
N LYS A 321 -15.87 3.49 -2.23
CA LYS A 321 -15.36 3.19 -3.57
C LYS A 321 -14.60 4.39 -4.16
N VAL A 322 -15.09 5.59 -3.89
CA VAL A 322 -14.41 6.81 -4.31
C VAL A 322 -14.46 7.77 -3.14
N ASP A 323 -13.56 8.76 -3.14
CA ASP A 323 -13.49 9.73 -2.06
C ASP A 323 -14.35 10.95 -2.35
N ALA A 324 -14.56 11.23 -3.61
CA ALA A 324 -15.25 12.44 -4.01
C ALA A 324 -15.74 12.24 -5.43
N VAL A 325 -16.75 12.99 -5.84
CA VAL A 325 -17.30 12.85 -7.19
C VAL A 325 -17.29 14.18 -7.91
N ALA A 326 -16.75 14.18 -9.13
CA ALA A 326 -16.77 15.36 -9.98
C ALA A 326 -17.93 15.29 -10.96
N PHE A 327 -18.70 16.37 -11.02
CA PHE A 327 -19.85 16.46 -11.91
C PHE A 327 -19.53 17.48 -12.99
N GLY A 328 -19.83 17.13 -14.23
CA GLY A 328 -19.58 18.02 -15.35
C GLY A 328 -20.83 18.78 -15.76
N LYS A 329 -21.68 18.15 -16.56
CA LYS A 329 -22.83 18.83 -17.12
C LYS A 329 -23.80 19.37 -16.05
N ALA A 330 -23.91 18.68 -14.92
CA ALA A 330 -24.81 19.21 -13.89
C ALA A 330 -24.30 20.53 -13.31
N PHE A 331 -22.98 20.70 -13.27
CA PHE A 331 -22.42 21.97 -12.81
C PHE A 331 -22.57 23.09 -13.83
N ILE A 332 -22.59 22.75 -15.12
CA ILE A 332 -22.89 23.78 -16.11
C ILE A 332 -24.24 24.40 -15.78
N ALA A 333 -25.22 23.55 -15.48
CA ALA A 333 -26.59 24.00 -15.36
C ALA A 333 -27.02 24.41 -13.95
N ASN A 334 -26.21 24.09 -12.94
CA ASN A 334 -26.61 24.29 -11.55
C ASN A 334 -25.48 24.91 -10.74
N PRO A 335 -25.47 26.24 -10.62
CA PRO A 335 -24.34 26.87 -9.93
C PRO A 335 -24.34 26.44 -8.48
N ASP A 336 -25.53 26.28 -7.91
CA ASP A 336 -25.70 25.83 -6.53
C ASP A 336 -25.97 24.33 -6.46
N LEU A 337 -25.30 23.55 -7.31
CA LEU A 337 -25.47 22.10 -7.29
C LEU A 337 -25.29 21.51 -5.88
N VAL A 338 -24.33 22.02 -5.11
CA VAL A 338 -24.11 21.45 -3.78
C VAL A 338 -25.38 21.54 -2.92
N ARG A 339 -25.97 22.72 -2.85
CA ARG A 339 -27.19 22.89 -2.06
C ARG A 339 -28.34 22.08 -2.64
N ARG A 340 -28.45 22.05 -3.96
CA ARG A 340 -29.52 21.27 -4.58
C ARG A 340 -29.39 19.80 -4.21
N LEU A 341 -28.17 19.28 -4.28
CA LEU A 341 -27.98 17.87 -3.92
C LEU A 341 -28.21 17.64 -2.43
N LYS A 342 -27.74 18.56 -1.59
CA LYS A 342 -27.95 18.42 -0.15
C LYS A 342 -29.44 18.31 0.17
N ASN A 343 -30.25 19.16 -0.47
CA ASN A 343 -31.71 19.20 -0.20
C ASN A 343 -32.53 18.29 -1.09
N ASP A 344 -31.87 17.56 -1.98
CA ASP A 344 -32.52 16.71 -2.97
C ASP A 344 -33.58 17.51 -3.72
N ALA A 345 -33.17 18.66 -4.22
CA ALA A 345 -34.05 19.55 -4.97
C ALA A 345 -33.99 19.21 -6.45
N PRO A 346 -34.93 19.73 -7.23
CA PRO A 346 -34.83 19.55 -8.68
C PRO A 346 -33.56 20.21 -9.19
N LEU A 347 -33.12 19.82 -10.40
CA LEU A 347 -32.00 20.45 -11.06
C LEU A 347 -32.46 21.16 -12.33
N ASN A 348 -31.72 22.18 -12.75
CA ASN A 348 -31.88 22.74 -14.10
C ASN A 348 -31.28 21.75 -15.10
N ALA A 349 -31.84 21.70 -16.30
CA ALA A 349 -31.27 20.86 -17.37
C ALA A 349 -30.22 21.64 -18.14
N PRO A 350 -29.12 20.97 -18.50
CA PRO A 350 -28.12 21.65 -19.33
C PRO A 350 -28.62 21.84 -20.75
N ASN A 351 -28.26 22.97 -21.35
CA ASN A 351 -28.59 23.26 -22.75
C ASN A 351 -27.35 23.10 -23.60
N GLN A 352 -27.19 21.93 -24.20
CA GLN A 352 -25.97 21.60 -24.95
C GLN A 352 -25.54 22.66 -25.99
N PRO A 353 -26.49 23.25 -26.73
CA PRO A 353 -26.08 24.21 -27.77
C PRO A 353 -25.30 25.43 -27.24
N THR A 354 -25.37 25.75 -25.95
CA THR A 354 -24.60 26.87 -25.40
C THR A 354 -23.44 26.43 -24.53
N PHE A 355 -23.06 25.16 -24.62
CA PHE A 355 -21.86 24.71 -23.90
C PHE A 355 -20.62 25.48 -24.34
N TYR A 356 -20.45 25.62 -25.66
CA TYR A 356 -19.20 26.14 -26.23
C TYR A 356 -19.36 27.49 -26.90
N GLY A 357 -18.60 28.49 -26.46
CA GLY A 357 -18.61 29.78 -27.09
C GLY A 357 -19.82 30.61 -26.72
N GLY A 358 -19.92 31.78 -27.33
CA GLY A 358 -21.07 32.63 -27.10
C GLY A 358 -20.93 33.54 -25.88
N GLY A 359 -22.05 33.76 -25.21
CA GLY A 359 -22.10 34.75 -24.15
C GLY A 359 -22.64 34.25 -22.82
N ALA A 360 -23.21 35.17 -22.05
CA ALA A 360 -23.73 34.83 -20.75
C ALA A 360 -24.85 33.79 -20.80
N GLU A 361 -25.61 33.79 -21.89
CA GLU A 361 -26.72 32.84 -22.00
C GLU A 361 -26.17 31.42 -22.07
N GLY A 362 -26.65 30.58 -21.16
CA GLY A 362 -26.18 29.20 -21.03
C GLY A 362 -24.83 29.12 -20.34
N TYR A 363 -24.48 30.17 -19.60
CA TYR A 363 -23.18 30.22 -18.93
C TYR A 363 -23.32 30.75 -17.50
N THR A 364 -23.76 32.00 -17.38
CA THR A 364 -23.92 32.62 -16.05
C THR A 364 -25.38 32.84 -15.67
N ASP A 365 -26.31 32.45 -16.54
CA ASP A 365 -27.72 32.74 -16.30
C ASP A 365 -28.57 31.53 -15.87
N TYR A 366 -27.94 30.39 -15.61
CA TYR A 366 -28.68 29.31 -14.98
C TYR A 366 -28.96 29.72 -13.54
N PRO A 367 -30.23 29.66 -13.12
CA PRO A 367 -30.60 30.21 -11.81
C PRO A 367 -30.24 29.29 -10.65
N ALA A 368 -29.89 29.90 -9.53
CA ALA A 368 -29.80 29.18 -8.27
C ALA A 368 -31.20 29.12 -7.67
N LEU A 369 -31.40 28.26 -6.70
CA LEU A 369 -32.66 28.24 -5.96
C LEU A 369 -32.75 29.45 -5.03
N ALA A 370 -33.97 29.80 -4.62
CA ALA A 370 -34.17 30.95 -3.75
C ALA A 370 -33.67 30.74 -2.32
N GLN A 371 -33.25 31.83 -1.68
CA GLN A 371 -32.78 31.86 -0.29
C GLN A 371 -31.61 30.92 0.02
N THR B 2 47.01 9.70 -10.52
CA THR B 2 46.70 8.42 -9.88
C THR B 2 46.19 7.41 -10.91
N SER B 3 46.75 6.21 -10.87
CA SER B 3 46.39 5.17 -11.83
C SER B 3 45.48 4.11 -11.22
N LEU B 4 44.56 3.58 -12.02
CA LEU B 4 43.71 2.47 -11.60
C LEU B 4 44.52 1.29 -11.05
N PHE B 5 45.76 1.15 -11.52
CA PHE B 5 46.55 -0.02 -11.16
C PHE B 5 47.49 0.17 -9.98
N GLU B 6 47.48 1.37 -9.39
CA GLU B 6 48.34 1.63 -8.26
CA GLU B 6 48.34 1.67 -8.25
C GLU B 6 47.62 1.41 -6.93
N PRO B 7 48.39 1.19 -5.85
CA PRO B 7 47.79 0.91 -4.55
C PRO B 7 46.99 2.06 -3.97
N ALA B 8 46.18 1.73 -2.97
CA ALA B 8 45.38 2.71 -2.28
C ALA B 8 45.19 2.27 -0.85
N GLN B 9 44.57 3.14 -0.07
CA GLN B 9 44.33 2.85 1.33
C GLN B 9 42.90 3.21 1.65
N ALA B 10 42.17 2.28 2.25
CA ALA B 10 40.79 2.53 2.66
C ALA B 10 40.72 2.36 4.16
N GLY B 11 40.83 3.47 4.89
CA GLY B 11 40.92 3.39 6.34
C GLY B 11 42.10 2.55 6.76
N ASP B 12 41.82 1.47 7.50
CA ASP B 12 42.88 0.58 7.99
C ASP B 12 43.26 -0.51 6.97
N ILE B 13 42.60 -0.51 5.81
CA ILE B 13 42.79 -1.59 4.84
C ILE B 13 43.67 -1.14 3.67
N ALA B 14 44.77 -1.86 3.45
CA ALA B 14 45.68 -1.56 2.35
C ALA B 14 45.28 -2.34 1.10
N LEU B 15 45.11 -1.62 -0.01
CA LEU B 15 44.74 -2.23 -1.28
C LEU B 15 45.92 -2.23 -2.25
N ALA B 16 46.13 -3.34 -2.94
CA ALA B 16 47.25 -3.47 -3.87
C ALA B 16 47.01 -2.69 -5.15
N ASN B 17 45.74 -2.45 -5.46
CA ASN B 17 45.36 -1.67 -6.64
C ASN B 17 43.95 -1.13 -6.44
N ARG B 18 43.44 -0.43 -7.45
CA ARG B 18 42.18 0.26 -7.28
C ARG B 18 41.06 -0.40 -8.08
N ILE B 19 41.25 -1.67 -8.37
CA ILE B 19 40.24 -2.47 -9.05
C ILE B 19 39.52 -3.33 -8.02
N VAL B 20 38.25 -3.01 -7.81
CA VAL B 20 37.46 -3.64 -6.76
C VAL B 20 36.46 -4.61 -7.36
N MET B 21 36.30 -5.77 -6.70
CA MET B 21 35.25 -6.71 -7.07
C MET B 21 33.97 -6.31 -6.37
N ALA B 22 33.00 -5.85 -7.15
CA ALA B 22 31.71 -5.45 -6.62
C ALA B 22 31.01 -6.64 -5.99
N PRO B 23 30.13 -6.37 -5.00
CA PRO B 23 29.33 -7.44 -4.39
C PRO B 23 28.38 -8.08 -5.40
N LEU B 24 28.34 -9.40 -5.42
CA LEU B 24 27.59 -10.14 -6.42
C LEU B 24 26.93 -11.38 -5.82
N THR B 25 25.62 -11.31 -5.65
CA THR B 25 24.84 -12.44 -5.16
C THR B 25 24.89 -13.59 -6.17
N ARG B 26 25.29 -14.78 -5.70
CA ARG B 26 25.42 -15.95 -6.58
C ARG B 26 24.55 -17.15 -6.18
N ASN B 27 23.96 -17.10 -4.98
CA ASN B 27 23.05 -18.15 -4.51
C ASN B 27 23.63 -19.55 -4.60
N ARG B 28 24.87 -19.69 -4.15
CA ARG B 28 25.51 -21.00 -4.21
C ARG B 28 26.00 -21.46 -2.84
N SER B 29 25.25 -21.08 -1.80
CA SER B 29 25.59 -21.50 -0.45
C SER B 29 24.37 -22.04 0.31
N PRO B 30 23.97 -23.29 0.00
CA PRO B 30 22.80 -23.83 0.69
C PRO B 30 22.96 -23.84 2.21
N GLY B 31 21.88 -23.56 2.92
CA GLY B 31 21.92 -23.55 4.37
C GLY B 31 22.52 -22.29 4.94
N ALA B 32 22.79 -21.31 4.07
CA ALA B 32 23.41 -20.04 4.46
C ALA B 32 24.83 -20.21 4.99
N ILE B 33 25.50 -21.26 4.52
CA ILE B 33 26.84 -21.59 4.97
C ILE B 33 27.79 -21.66 3.78
N PRO B 34 28.85 -20.84 3.76
CA PRO B 34 29.81 -20.92 2.64
C PRO B 34 30.52 -22.29 2.61
N ASN B 35 30.78 -22.78 1.40
CA ASN B 35 31.41 -24.09 1.24
C ASN B 35 32.75 -24.02 0.51
N ASN B 36 33.32 -25.18 0.19
CA ASN B 36 34.63 -25.21 -0.46
C ASN B 36 34.61 -24.58 -1.83
N LEU B 37 33.52 -24.77 -2.58
CA LEU B 37 33.42 -24.20 -3.91
C LEU B 37 33.40 -22.69 -3.83
N ASN B 38 32.67 -22.15 -2.83
CA ASN B 38 32.66 -20.71 -2.61
C ASN B 38 34.08 -20.19 -2.36
N ALA B 39 34.88 -20.95 -1.61
CA ALA B 39 36.25 -20.53 -1.33
C ALA B 39 37.07 -20.45 -2.62
N THR B 40 36.90 -21.44 -3.48
CA THR B 40 37.62 -21.46 -4.75
C THR B 40 37.28 -20.22 -5.57
N TYR B 41 35.99 -19.93 -5.67
CA TYR B 41 35.50 -18.75 -6.39
C TYR B 41 36.19 -17.46 -5.95
N TYR B 42 36.21 -17.22 -4.64
CA TYR B 42 36.82 -15.99 -4.16
C TYR B 42 38.34 -16.00 -4.30
N GLU B 43 38.97 -17.14 -4.06
CA GLU B 43 40.41 -17.22 -4.20
C GLU B 43 40.86 -16.92 -5.64
N GLN B 44 40.07 -17.35 -6.62
CA GLN B 44 40.36 -17.08 -8.02
C GLN B 44 40.46 -15.59 -8.32
N ARG B 45 39.87 -14.77 -7.45
CA ARG B 45 39.70 -13.35 -7.71
C ARG B 45 40.51 -12.48 -6.77
N ALA B 46 41.41 -13.13 -6.04
CA ALA B 46 42.18 -12.47 -4.98
C ALA B 46 43.16 -11.41 -5.46
N THR B 47 43.41 -11.32 -6.77
CA THR B 47 44.26 -10.24 -7.28
C THR B 47 43.54 -8.88 -7.28
N ALA B 48 42.22 -8.90 -7.13
CA ALA B 48 41.47 -7.66 -6.92
C ALA B 48 42.10 -6.87 -5.78
N GLY B 49 42.15 -5.55 -5.93
CA GLY B 49 42.66 -4.73 -4.83
C GLY B 49 41.80 -4.94 -3.59
N LEU B 50 40.49 -5.10 -3.81
CA LEU B 50 39.58 -5.40 -2.72
C LEU B 50 38.43 -6.23 -3.27
N ILE B 51 38.09 -7.32 -2.58
CA ILE B 51 36.85 -8.04 -2.86
C ILE B 51 35.77 -7.59 -1.88
N VAL B 52 34.61 -7.21 -2.40
CA VAL B 52 33.41 -7.09 -1.58
C VAL B 52 32.60 -8.36 -1.82
N THR B 53 32.23 -9.06 -0.76
CA THR B 53 31.50 -10.31 -0.96
C THR B 53 30.10 -10.06 -1.51
N GLU B 54 29.52 -11.10 -2.06
CA GLU B 54 28.07 -11.19 -2.22
C GLU B 54 27.38 -10.72 -0.96
N GLY B 55 26.20 -10.12 -1.08
CA GLY B 55 25.45 -9.74 0.11
C GLY B 55 25.37 -10.91 1.08
N THR B 56 25.66 -10.65 2.36
CA THR B 56 25.66 -11.70 3.37
CA THR B 56 25.64 -11.70 3.36
C THR B 56 24.83 -11.25 4.56
N PRO B 57 23.63 -11.84 4.72
CA PRO B 57 22.71 -11.31 5.74
C PRO B 57 23.17 -11.44 7.19
N ILE B 58 22.79 -10.46 7.99
CA ILE B 58 23.14 -10.43 9.40
C ILE B 58 22.24 -11.36 10.23
N SER B 59 21.17 -11.84 9.62
CA SER B 59 20.18 -12.68 10.31
C SER B 59 19.34 -13.37 9.26
N GLN B 60 18.55 -14.38 9.68
CA GLN B 60 17.64 -15.03 8.75
C GLN B 60 16.56 -14.05 8.31
N GLN B 61 16.12 -13.21 9.24
CA GLN B 61 15.16 -12.17 8.92
C GLN B 61 15.68 -11.29 7.78
N GLY B 62 16.99 -11.08 7.76
CA GLY B 62 17.61 -10.25 6.73
C GLY B 62 17.81 -10.91 5.37
N GLN B 63 17.40 -12.17 5.23
CA GLN B 63 17.53 -12.92 3.96
C GLN B 63 16.38 -12.63 3.01
N GLY B 64 16.71 -12.46 1.73
CA GLY B 64 15.69 -12.23 0.71
C GLY B 64 15.74 -13.21 -0.44
N TYR B 65 16.83 -13.98 -0.52
CA TYR B 65 17.03 -14.93 -1.63
C TYR B 65 17.51 -16.28 -1.13
N ALA B 66 17.27 -17.32 -1.93
CA ALA B 66 17.66 -18.66 -1.54
C ALA B 66 19.17 -18.91 -1.64
N ASP B 67 19.66 -19.76 -0.74
CA ASP B 67 21.04 -20.26 -0.80
C ASP B 67 22.09 -19.15 -0.78
N VAL B 68 21.81 -18.14 0.05
CA VAL B 68 22.74 -17.03 0.25
C VAL B 68 23.47 -17.23 1.57
N PRO B 69 24.81 -17.08 1.55
CA PRO B 69 25.55 -17.30 2.79
C PRO B 69 25.28 -16.18 3.77
N GLY B 70 25.16 -16.50 5.04
CA GLY B 70 24.99 -15.46 6.05
C GLY B 70 26.12 -15.39 7.07
N LEU B 71 25.91 -14.56 8.09
CA LEU B 71 26.87 -14.43 9.19
C LEU B 71 26.22 -14.74 10.53
N TYR B 72 25.14 -15.51 10.51
CA TYR B 72 24.35 -15.74 11.72
C TYR B 72 24.33 -17.20 12.22
N LYS B 73 25.13 -18.06 11.60
CA LYS B 73 25.30 -19.44 12.04
C LYS B 73 26.77 -19.66 12.35
N ARG B 74 27.06 -20.40 13.40
CA ARG B 74 28.44 -20.66 13.77
C ARG B 74 29.17 -21.32 12.60
N GLU B 75 28.50 -22.27 11.96
CA GLU B 75 29.06 -22.96 10.81
C GLU B 75 29.32 -22.03 9.64
N ALA B 76 28.53 -20.97 9.51
CA ALA B 76 28.74 -20.02 8.42
C ALA B 76 30.02 -19.21 8.69
N ILE B 77 30.23 -18.83 9.94
CA ILE B 77 31.44 -18.09 10.29
C ILE B 77 32.67 -18.96 9.97
N GLU B 78 32.60 -20.24 10.31
CA GLU B 78 33.67 -21.18 10.00
CA GLU B 78 33.70 -21.16 9.99
C GLU B 78 33.91 -21.29 8.50
N GLY B 79 32.81 -21.31 7.74
CA GLY B 79 32.90 -21.38 6.30
C GLY B 79 33.55 -20.15 5.68
N TRP B 80 33.16 -18.98 6.17
CA TRP B 80 33.77 -17.74 5.72
C TRP B 80 35.26 -17.66 6.09
N LYS B 81 35.61 -18.18 7.27
CA LYS B 81 37.00 -18.16 7.69
C LYS B 81 37.90 -18.88 6.68
N LYS B 82 37.43 -20.00 6.15
CA LYS B 82 38.23 -20.67 5.12
C LYS B 82 38.36 -19.80 3.87
N ILE B 83 37.31 -19.07 3.54
CA ILE B 83 37.32 -18.21 2.37
C ILE B 83 38.30 -17.06 2.53
N THR B 84 38.24 -16.38 3.68
CA THR B 84 39.13 -15.24 3.87
C THR B 84 40.59 -15.66 4.01
N ASP B 85 40.82 -16.81 4.66
CA ASP B 85 42.18 -17.34 4.74
C ASP B 85 42.75 -17.57 3.35
N GLY B 86 41.93 -18.16 2.47
CA GLY B 86 42.37 -18.46 1.12
C GLY B 86 42.66 -17.21 0.32
N VAL B 87 41.80 -16.20 0.46
CA VAL B 87 41.99 -14.94 -0.23
C VAL B 87 43.27 -14.25 0.27
N HIS B 88 43.46 -14.21 1.57
CA HIS B 88 44.68 -13.61 2.12
C HIS B 88 45.94 -14.33 1.65
N SER B 89 45.89 -15.65 1.63
CA SER B 89 47.06 -16.42 1.21
C SER B 89 47.44 -16.14 -0.23
N ALA B 90 46.46 -15.72 -1.03
CA ALA B 90 46.67 -15.42 -2.44
C ALA B 90 46.90 -13.93 -2.65
N GLY B 91 47.12 -13.20 -1.55
CA GLY B 91 47.49 -11.80 -1.60
C GLY B 91 46.32 -10.85 -1.72
N GLY B 92 45.13 -11.32 -1.39
CA GLY B 92 43.93 -10.49 -1.50
C GLY B 92 43.50 -9.80 -0.21
N LYS B 93 42.51 -8.93 -0.34
CA LYS B 93 41.83 -8.30 0.80
C LYS B 93 40.33 -8.40 0.53
N ILE B 94 39.56 -8.60 1.59
CA ILE B 94 38.15 -8.91 1.41
C ILE B 94 37.28 -8.36 2.53
N VAL B 95 36.16 -7.74 2.16
CA VAL B 95 35.20 -7.22 3.13
C VAL B 95 33.84 -7.88 2.93
N ALA B 96 33.15 -8.15 4.03
CA ALA B 96 31.83 -8.78 3.97
C ALA B 96 30.77 -7.73 3.74
N GLN B 97 29.92 -7.91 2.75
CA GLN B 97 28.81 -6.97 2.55
C GLN B 97 27.66 -7.36 3.45
N ILE B 98 27.63 -6.80 4.65
CA ILE B 98 26.62 -7.21 5.62
C ILE B 98 25.25 -6.66 5.26
N TRP B 99 24.24 -7.54 5.21
CA TRP B 99 23.02 -7.28 4.46
C TRP B 99 21.77 -7.48 5.30
N HIS B 100 20.79 -6.60 5.09
CA HIS B 100 19.42 -6.90 5.50
C HIS B 100 18.52 -6.44 4.37
N VAL B 101 17.70 -7.36 3.85
CA VAL B 101 16.89 -7.06 2.68
C VAL B 101 15.61 -6.29 2.97
N GLY B 102 15.22 -6.16 4.24
CA GLY B 102 13.93 -5.53 4.52
C GLY B 102 12.80 -6.19 3.76
N ARG B 103 11.98 -5.39 3.07
CA ARG B 103 10.75 -5.90 2.46
C ARG B 103 10.98 -6.82 1.26
N ILE B 104 12.22 -6.89 0.80
CA ILE B 104 12.52 -7.68 -0.40
C ILE B 104 12.85 -9.12 0.00
N SER B 105 11.80 -9.88 0.32
CA SER B 105 11.98 -11.26 0.75
C SER B 105 10.67 -12.02 0.55
N HIS B 106 10.64 -13.25 1.03
CA HIS B 106 9.49 -14.13 0.86
C HIS B 106 9.27 -14.89 2.17
N THR B 107 8.01 -15.15 2.51
CA THR B 107 7.72 -15.82 3.77
C THR B 107 8.50 -17.13 3.94
N SER B 108 8.75 -17.82 2.83
CA SER B 108 9.41 -19.12 2.90
C SER B 108 10.87 -19.04 3.36
N LEU B 109 11.43 -17.84 3.34
CA LEU B 109 12.81 -17.62 3.76
C LEU B 109 12.91 -17.02 5.16
N GLN B 110 11.78 -16.57 5.70
CA GLN B 110 11.76 -15.88 6.98
C GLN B 110 11.56 -16.82 8.16
N PRO B 111 12.05 -16.40 9.35
CA PRO B 111 11.76 -17.15 10.57
C PRO B 111 10.27 -17.30 10.77
N HIS B 112 9.82 -18.50 11.12
CA HIS B 112 8.42 -18.76 11.41
C HIS B 112 7.53 -18.62 10.20
N GLY B 113 8.13 -18.53 9.02
CA GLY B 113 7.38 -18.30 7.80
C GLY B 113 6.71 -16.93 7.83
N GLY B 114 7.37 -15.98 8.49
CA GLY B 114 6.79 -14.67 8.69
C GLY B 114 6.89 -13.68 7.55
N GLN B 115 6.19 -12.56 7.72
CA GLN B 115 6.25 -11.47 6.79
C GLN B 115 7.61 -10.81 6.89
N PRO B 116 8.20 -10.46 5.74
CA PRO B 116 9.42 -9.64 5.72
C PRO B 116 9.18 -8.36 6.51
N VAL B 117 10.23 -7.75 7.04
CA VAL B 117 10.06 -6.51 7.82
C VAL B 117 10.52 -5.31 7.03
N ALA B 118 9.94 -4.14 7.33
CA ALA B 118 10.23 -2.91 6.59
C ALA B 118 9.84 -1.71 7.44
N PRO B 119 10.32 -0.51 7.10
CA PRO B 119 9.89 0.68 7.83
C PRO B 119 8.37 0.89 7.71
N SER B 120 7.82 0.60 6.54
CA SER B 120 6.38 0.73 6.29
C SER B 120 5.84 -0.47 5.54
N ALA B 121 4.56 -0.79 5.78
CA ALA B 121 3.95 -1.98 5.17
C ALA B 121 3.47 -1.71 3.75
N ILE B 122 4.42 -1.49 2.85
CA ILE B 122 4.15 -1.32 1.43
C ILE B 122 4.87 -2.44 0.69
N THR B 123 4.11 -3.32 0.06
CA THR B 123 4.66 -4.45 -0.67
C THR B 123 5.44 -3.98 -1.88
N ALA B 124 6.63 -4.53 -2.08
CA ALA B 124 7.41 -4.21 -3.26
C ALA B 124 6.93 -5.02 -4.46
N LYS B 125 6.86 -4.37 -5.62
CA LYS B 125 6.63 -5.08 -6.87
CA LYS B 125 6.63 -5.09 -6.86
C LYS B 125 7.99 -5.55 -7.37
N SER B 126 8.51 -6.57 -6.70
CA SER B 126 9.84 -7.08 -6.97
CA SER B 126 9.84 -7.08 -6.97
C SER B 126 9.83 -8.59 -6.87
N LYS B 127 10.96 -9.20 -7.21
CA LYS B 127 11.07 -10.64 -7.23
C LYS B 127 12.35 -11.08 -6.53
N THR B 128 12.29 -12.27 -5.93
CA THR B 128 13.41 -12.86 -5.23
C THR B 128 13.73 -14.19 -5.88
N TYR B 129 14.98 -14.63 -5.79
CA TYR B 129 15.35 -15.96 -6.27
C TYR B 129 15.01 -16.97 -5.19
N ILE B 130 14.05 -17.85 -5.47
CA ILE B 130 13.71 -18.91 -4.53
C ILE B 130 13.74 -20.28 -5.20
N ILE B 131 14.07 -21.30 -4.41
CA ILE B 131 14.19 -22.66 -4.90
C ILE B 131 13.01 -23.50 -4.41
N ASN B 132 12.26 -24.09 -5.34
CA ASN B 132 11.10 -24.91 -4.97
C ASN B 132 11.52 -26.28 -4.44
N ASP B 133 10.53 -27.08 -4.05
CA ASP B 133 10.79 -28.41 -3.49
C ASP B 133 11.46 -29.34 -4.49
N ASP B 134 11.39 -29.00 -5.77
CA ASP B 134 11.97 -29.82 -6.83
C ASP B 134 13.45 -29.50 -7.05
N GLY B 135 13.91 -28.36 -6.54
CA GLY B 135 15.28 -27.94 -6.73
C GLY B 135 15.38 -26.92 -7.84
N THR B 136 14.23 -26.56 -8.41
CA THR B 136 14.17 -25.55 -9.47
C THR B 136 14.23 -24.14 -8.88
N GLY B 137 15.28 -23.40 -9.21
CA GLY B 137 15.38 -22.02 -8.79
C GLY B 137 14.70 -21.10 -9.78
N ALA B 138 13.97 -20.12 -9.28
CA ALA B 138 13.35 -19.12 -10.14
C ALA B 138 12.99 -17.88 -9.34
N PHE B 139 12.83 -16.76 -10.05
CA PHE B 139 12.43 -15.54 -9.39
C PHE B 139 10.92 -15.55 -9.12
N ALA B 140 10.55 -15.16 -7.90
CA ALA B 140 9.15 -15.14 -7.46
C ALA B 140 8.81 -13.82 -6.76
N GLU B 141 7.52 -13.45 -6.75
CA GLU B 141 7.08 -12.18 -6.16
C GLU B 141 7.36 -12.12 -4.67
N THR B 142 7.81 -10.95 -4.20
CA THR B 142 8.08 -10.75 -2.78
C THR B 142 6.80 -10.69 -1.96
N SER B 143 6.94 -11.02 -0.67
CA SER B 143 5.79 -11.13 0.23
C SER B 143 5.38 -9.78 0.83
N GLU B 144 4.15 -9.72 1.33
CA GLU B 144 3.67 -8.54 2.05
C GLU B 144 4.50 -8.32 3.30
N PRO B 145 5.03 -7.09 3.49
CA PRO B 145 5.86 -6.85 4.66
C PRO B 145 5.07 -6.34 5.86
N ARG B 146 5.68 -6.43 7.03
CA ARG B 146 5.11 -5.85 8.24
C ARG B 146 5.96 -4.66 8.69
N ALA B 147 5.32 -3.64 9.23
CA ALA B 147 6.01 -2.42 9.65
C ALA B 147 6.74 -2.64 10.97
N LEU B 148 8.02 -2.27 11.00
CA LEU B 148 8.85 -2.47 12.18
C LEU B 148 8.41 -1.60 13.34
N THR B 149 8.39 -2.16 14.54
CA THR B 149 8.19 -1.34 15.73
C THR B 149 9.53 -0.79 16.16
N ILE B 150 9.50 0.16 17.09
CA ILE B 150 10.72 0.68 17.67
C ILE B 150 11.55 -0.43 18.28
N ASP B 151 10.90 -1.35 18.99
CA ASP B 151 11.63 -2.47 19.60
C ASP B 151 12.28 -3.33 18.52
N ASP B 152 11.56 -3.56 17.43
CA ASP B 152 12.09 -4.37 16.34
C ASP B 152 13.36 -3.72 15.79
N ILE B 153 13.33 -2.40 15.65
CA ILE B 153 14.49 -1.68 15.13
C ILE B 153 15.69 -1.91 16.04
N GLY B 154 15.45 -1.90 17.34
CA GLY B 154 16.52 -2.15 18.29
C GLY B 154 17.12 -3.53 18.10
N LEU B 155 16.28 -4.52 17.82
CA LEU B 155 16.75 -5.88 17.61
C LEU B 155 17.62 -5.95 16.36
N ILE B 156 17.24 -5.23 15.31
CA ILE B 156 18.01 -5.27 14.07
C ILE B 156 19.39 -4.61 14.28
N LEU B 157 19.43 -3.52 15.03
CA LEU B 157 20.72 -2.89 15.32
C LEU B 157 21.66 -3.86 16.02
N GLU B 158 21.14 -4.63 16.96
CA GLU B 158 21.95 -5.65 17.63
C GLU B 158 22.39 -6.74 16.65
N ASP B 159 21.54 -7.08 15.68
CA ASP B 159 21.94 -8.02 14.63
C ASP B 159 23.09 -7.47 13.80
N TYR B 160 23.09 -6.17 13.56
CA TYR B 160 24.21 -5.55 12.85
C TYR B 160 25.50 -5.63 13.68
N ARG B 161 25.38 -5.44 14.99
CA ARG B 161 26.55 -5.61 15.85
C ARG B 161 27.05 -7.05 15.77
N SER B 162 26.13 -8.00 15.85
CA SER B 162 26.45 -9.42 15.79
C SER B 162 27.10 -9.74 14.45
N GLY B 163 26.54 -9.19 13.39
CA GLY B 163 27.06 -9.43 12.05
C GLY B 163 28.45 -8.88 11.84
N ALA B 164 28.70 -7.67 12.33
CA ALA B 164 30.03 -7.08 12.23
C ALA B 164 31.04 -7.91 13.04
N ARG B 165 30.63 -8.30 14.24
CA ARG B 165 31.49 -9.13 15.08
C ARG B 165 31.83 -10.43 14.36
N ALA B 166 30.81 -11.04 13.77
CA ALA B 166 30.96 -12.30 13.06
C ALA B 166 31.93 -12.17 11.89
N ALA B 167 31.82 -11.06 11.16
CA ALA B 167 32.72 -10.82 10.03
C ALA B 167 34.18 -10.78 10.50
N LEU B 168 34.43 -10.10 11.61
CA LEU B 168 35.78 -10.03 12.16
CA LEU B 168 35.79 -10.05 12.10
C LEU B 168 36.27 -11.41 12.61
N GLU B 169 35.38 -12.17 13.24
CA GLU B 169 35.75 -13.51 13.70
C GLU B 169 36.08 -14.40 12.49
N ALA B 170 35.38 -14.17 11.39
CA ALA B 170 35.59 -14.94 10.17
C ALA B 170 36.79 -14.43 9.37
N GLY B 171 37.51 -13.45 9.90
CA GLY B 171 38.76 -13.03 9.31
C GLY B 171 38.65 -12.02 8.18
N PHE B 172 37.49 -11.41 8.00
CA PHE B 172 37.37 -10.34 7.01
C PHE B 172 38.24 -9.14 7.40
N ASP B 173 38.70 -8.41 6.39
CA ASP B 173 39.46 -7.19 6.64
C ASP B 173 38.56 -6.03 7.10
N GLY B 174 37.27 -6.17 6.86
CA GLY B 174 36.28 -5.19 7.27
C GLY B 174 34.92 -5.56 6.74
N VAL B 175 34.00 -4.61 6.74
CA VAL B 175 32.68 -4.85 6.20
C VAL B 175 32.25 -3.70 5.33
N GLU B 176 31.39 -4.01 4.36
CA GLU B 176 30.66 -2.98 3.64
C GLU B 176 29.21 -3.09 4.08
N ILE B 177 28.69 -2.03 4.69
CA ILE B 177 27.28 -2.02 5.04
C ILE B 177 26.45 -1.85 3.78
N HIS B 178 25.55 -2.80 3.51
CA HIS B 178 24.68 -2.69 2.35
C HIS B 178 23.56 -1.70 2.65
N ALA B 179 23.72 -0.48 2.15
CA ALA B 179 22.69 0.54 2.32
C ALA B 179 22.22 1.00 0.95
N ALA B 180 22.21 0.08 0.00
CA ALA B 180 21.87 0.41 -1.39
C ALA B 180 20.78 -0.49 -1.97
N ASN B 181 20.45 -0.22 -3.23
CA ASN B 181 19.61 -1.11 -4.04
C ASN B 181 18.25 -1.45 -3.43
N GLY B 182 17.68 -0.51 -2.71
CA GLY B 182 16.31 -0.67 -2.24
C GLY B 182 16.13 -1.66 -1.11
N TYR B 183 17.21 -1.99 -0.41
CA TYR B 183 17.08 -2.92 0.72
C TYR B 183 16.75 -2.18 2.03
N LEU B 184 16.89 -2.83 3.18
CA LEU B 184 16.29 -2.27 4.40
C LEU B 184 16.69 -0.83 4.70
N ILE B 185 17.98 -0.54 4.69
CA ILE B 185 18.46 0.79 5.06
C ILE B 185 17.94 1.83 4.08
N GLU B 186 17.95 1.49 2.80
CA GLU B 186 17.45 2.41 1.80
C GLU B 186 15.93 2.56 1.89
N GLN B 187 15.25 1.52 2.38
CA GLN B 187 13.80 1.61 2.55
C GLN B 187 13.46 2.69 3.58
N PHE B 188 14.28 2.81 4.62
CA PHE B 188 14.14 3.91 5.58
C PHE B 188 14.51 5.26 4.93
N LEU B 189 15.58 5.27 4.14
CA LEU B 189 16.07 6.52 3.57
CA LEU B 189 16.08 6.52 3.54
C LEU B 189 15.08 7.17 2.60
N LYS B 190 14.51 6.37 1.71
CA LYS B 190 13.72 6.90 0.60
C LYS B 190 12.23 7.03 0.87
N SER B 191 11.62 8.03 0.24
CA SER B 191 10.26 8.43 0.56
CA SER B 191 10.26 8.41 0.59
C SER B 191 9.19 7.42 0.16
N SER B 192 9.44 6.67 -0.92
CA SER B 192 8.37 5.79 -1.40
C SER B 192 8.15 4.60 -0.48
N THR B 193 9.15 4.30 0.33
CA THR B 193 9.12 3.12 1.18
C THR B 193 8.92 3.48 2.64
N ASN B 194 9.02 4.76 2.96
CA ASN B 194 8.95 5.21 4.35
C ASN B 194 7.85 6.23 4.58
N GLN B 195 6.73 5.78 5.13
CA GLN B 195 5.65 6.67 5.48
CA GLN B 195 5.66 6.69 5.49
C GLN B 195 5.47 6.74 7.00
N ARG B 196 6.55 6.47 7.73
CA ARG B 196 6.49 6.47 9.19
C ARG B 196 6.19 7.84 9.79
N THR B 197 5.58 7.83 10.96
CA THR B 197 5.21 9.06 11.65
C THR B 197 6.04 9.30 12.90
N ASP B 198 7.02 8.42 13.13
CA ASP B 198 7.87 8.54 14.30
C ASP B 198 9.22 9.15 13.97
N ASP B 199 10.18 8.97 14.86
CA ASP B 199 11.51 9.57 14.68
C ASP B 199 12.28 9.00 13.49
N TYR B 200 11.75 7.94 12.87
CA TYR B 200 12.43 7.32 11.74
C TYR B 200 11.82 7.68 10.38
N GLY B 201 10.81 8.55 10.39
CA GLY B 201 10.17 8.96 9.14
C GLY B 201 10.02 10.46 9.00
N GLY B 202 9.70 10.90 7.79
CA GLY B 202 9.44 12.31 7.57
C GLY B 202 10.64 13.09 7.07
N SER B 203 11.25 13.87 7.96
CA SER B 203 12.40 14.71 7.62
C SER B 203 13.57 13.88 7.13
N ILE B 204 14.48 14.52 6.39
CA ILE B 204 15.71 13.88 5.94
CA ILE B 204 15.66 13.81 5.94
C ILE B 204 16.50 13.32 7.13
N GLU B 205 16.57 14.12 8.18
CA GLU B 205 17.31 13.72 9.37
CA GLU B 205 17.31 13.72 9.39
C GLU B 205 16.73 12.45 9.97
N ASN B 206 15.40 12.36 10.01
CA ASN B 206 14.72 11.18 10.52
C ASN B 206 14.92 9.96 9.62
N ARG B 207 14.85 10.16 8.32
CA ARG B 207 14.95 9.05 7.38
C ARG B 207 16.37 8.50 7.34
N ALA B 208 17.35 9.37 7.59
CA ALA B 208 18.74 8.94 7.63
C ALA B 208 19.14 8.37 9.00
N ARG B 209 18.24 8.48 9.98
CA ARG B 209 18.57 8.09 11.35
C ARG B 209 19.01 6.63 11.47
N PHE B 210 18.27 5.74 10.82
CA PHE B 210 18.56 4.31 10.91
C PHE B 210 19.92 4.02 10.30
N LEU B 211 20.14 4.56 9.10
CA LEU B 211 21.43 4.38 8.42
C LEU B 211 22.57 4.74 9.36
N LEU B 212 22.48 5.91 9.97
CA LEU B 212 23.57 6.38 10.82
C LEU B 212 23.71 5.56 12.09
N GLU B 213 22.60 5.07 12.63
CA GLU B 213 22.63 4.18 13.78
C GLU B 213 23.32 2.86 13.45
N VAL B 214 23.03 2.33 12.26
CA VAL B 214 23.69 1.11 11.80
C VAL B 214 25.20 1.35 11.65
N VAL B 215 25.57 2.45 10.99
CA VAL B 215 26.98 2.78 10.84
C VAL B 215 27.66 2.92 12.20
N ASP B 216 27.02 3.60 13.13
CA ASP B 216 27.68 3.84 14.41
C ASP B 216 27.80 2.55 15.22
N ALA B 217 26.81 1.67 15.09
CA ALA B 217 26.85 0.38 15.77
C ALA B 217 27.95 -0.50 15.20
N VAL B 218 28.05 -0.54 13.88
CA VAL B 218 29.05 -1.37 13.21
C VAL B 218 30.45 -0.83 13.51
N ALA B 219 30.64 0.47 13.34
CA ALA B 219 31.94 1.08 13.60
C ALA B 219 32.38 0.90 15.06
N GLU B 220 31.45 0.98 16.00
CA GLU B 220 31.79 0.77 17.39
C GLU B 220 32.32 -0.65 17.60
N GLU B 221 31.72 -1.61 16.92
CA GLU B 221 32.10 -3.00 17.11
C GLU B 221 33.45 -3.37 16.47
N ILE B 222 33.66 -2.96 15.23
CA ILE B 222 34.84 -3.43 14.49
CA ILE B 222 34.79 -3.42 14.42
C ILE B 222 35.86 -2.35 14.18
N GLY B 223 35.50 -1.09 14.44
CA GLY B 223 36.37 0.02 14.14
C GLY B 223 35.90 0.76 12.89
N ALA B 224 35.81 2.08 12.99
CA ALA B 224 35.45 2.89 11.84
C ALA B 224 36.38 2.62 10.65
N GLY B 225 37.65 2.42 10.94
CA GLY B 225 38.65 2.19 9.89
C GLY B 225 38.50 0.88 9.16
N ARG B 226 37.58 0.03 9.60
CA ARG B 226 37.31 -1.22 8.91
CA ARG B 226 37.31 -1.21 8.90
C ARG B 226 35.85 -1.27 8.46
N THR B 227 35.19 -0.11 8.47
CA THR B 227 33.78 -0.01 8.10
C THR B 227 33.58 0.84 6.84
N GLY B 228 32.92 0.28 5.84
CA GLY B 228 32.53 1.05 4.67
C GLY B 228 31.03 0.92 4.47
N ILE B 229 30.51 1.58 3.45
CA ILE B 229 29.08 1.56 3.22
C ILE B 229 28.79 1.74 1.73
N ARG B 230 27.79 1.03 1.22
CA ARG B 230 27.40 1.16 -0.17
C ARG B 230 26.12 1.98 -0.29
N LEU B 231 26.13 2.96 -1.19
CA LEU B 231 24.99 3.85 -1.41
C LEU B 231 24.65 3.90 -2.89
N SER B 232 23.37 4.14 -3.18
CA SER B 232 22.86 4.16 -4.56
C SER B 232 21.74 5.19 -4.66
N PRO B 233 22.11 6.46 -4.84
CA PRO B 233 21.19 7.58 -4.71
C PRO B 233 19.95 7.54 -5.62
N VAL B 234 20.07 7.03 -6.84
CA VAL B 234 18.97 7.12 -7.79
C VAL B 234 18.43 5.79 -8.31
N THR B 235 18.96 4.68 -7.82
CA THR B 235 18.62 3.40 -8.44
C THR B 235 17.15 3.03 -8.29
N PRO B 236 16.56 2.48 -9.36
CA PRO B 236 15.16 2.07 -9.26
C PRO B 236 15.03 0.64 -8.79
N ALA B 237 16.15 0.03 -8.41
CA ALA B 237 16.15 -1.36 -7.98
C ALA B 237 15.12 -1.61 -6.89
N ASN B 238 14.43 -2.75 -6.99
CA ASN B 238 13.53 -3.17 -5.93
C ASN B 238 12.41 -2.20 -5.64
N ASP B 239 11.94 -1.58 -6.71
CA ASP B 239 10.69 -0.82 -6.72
C ASP B 239 10.72 0.46 -5.87
N ILE B 240 11.91 1.00 -5.63
CA ILE B 240 12.05 2.13 -4.72
C ILE B 240 12.10 3.46 -5.48
N PHE B 241 11.70 4.53 -4.81
CA PHE B 241 11.62 5.85 -5.46
C PHE B 241 11.87 6.98 -4.47
N GLU B 242 12.66 7.95 -4.91
CA GLU B 242 12.89 9.17 -4.14
C GLU B 242 12.93 10.35 -5.10
N ALA B 243 12.05 11.33 -4.90
CA ALA B 243 11.95 12.45 -5.84
C ALA B 243 12.99 13.54 -5.62
N ASP B 244 13.59 13.58 -4.43
CA ASP B 244 14.50 14.68 -4.07
C ASP B 244 15.75 14.13 -3.39
N PRO B 245 16.53 13.31 -4.13
CA PRO B 245 17.66 12.62 -3.50
C PRO B 245 18.83 13.54 -3.10
N GLN B 246 18.99 14.72 -3.70
CA GLN B 246 20.19 15.48 -3.40
C GLN B 246 20.33 15.93 -1.92
N PRO B 247 19.28 16.58 -1.37
CA PRO B 247 19.41 17.04 0.02
C PRO B 247 19.54 15.85 0.96
N LEU B 248 18.82 14.78 0.65
CA LEU B 248 18.87 13.56 1.43
C LEU B 248 20.27 12.94 1.46
N TYR B 249 20.82 12.70 0.28
CA TYR B 249 22.12 12.06 0.21
C TYR B 249 23.30 12.94 0.60
N ASN B 250 23.20 14.24 0.33
CA ASN B 250 24.23 15.15 0.80
C ASN B 250 24.26 15.16 2.33
N TYR B 251 23.08 15.16 2.96
CA TYR B 251 23.03 15.08 4.41
C TYR B 251 23.69 13.78 4.89
N VAL B 252 23.35 12.68 4.24
CA VAL B 252 23.95 11.40 4.63
C VAL B 252 25.47 11.44 4.61
N VAL B 253 26.07 11.92 3.52
CA VAL B 253 27.53 11.93 3.48
C VAL B 253 28.18 13.04 4.32
N GLU B 254 27.46 14.13 4.56
CA GLU B 254 27.93 15.12 5.53
C GLU B 254 28.11 14.42 6.88
N GLN B 255 27.15 13.57 7.22
CA GLN B 255 27.21 12.86 8.49
C GLN B 255 28.29 11.78 8.46
N LEU B 256 28.35 11.02 7.37
CA LEU B 256 29.37 9.98 7.25
C LEU B 256 30.77 10.55 7.25
N GLY B 257 30.94 11.77 6.73
CA GLY B 257 32.24 12.40 6.67
C GLY B 257 32.84 12.69 8.04
N LYS B 258 32.02 12.59 9.08
CA LYS B 258 32.47 12.84 10.45
CA LYS B 258 32.48 12.84 10.45
C LYS B 258 32.87 11.54 11.16
N ARG B 259 32.69 10.41 10.49
CA ARG B 259 32.78 9.14 11.19
C ARG B 259 34.00 8.27 10.90
N ASN B 260 34.99 8.85 10.22
CA ASN B 260 36.27 8.17 10.00
CA ASN B 260 36.28 8.19 10.01
C ASN B 260 36.16 6.81 9.34
N LEU B 261 35.26 6.69 8.37
CA LEU B 261 35.02 5.41 7.70
C LEU B 261 36.12 5.06 6.69
N ALA B 262 36.22 3.76 6.39
CA ALA B 262 37.24 3.26 5.47
C ALA B 262 36.92 3.58 4.01
N PHE B 263 35.66 3.47 3.62
CA PHE B 263 35.30 3.73 2.23
C PHE B 263 33.82 4.03 2.04
N ILE B 264 33.53 4.73 0.95
CA ILE B 264 32.17 4.96 0.49
C ILE B 264 32.10 4.35 -0.90
N HIS B 265 31.16 3.44 -1.11
CA HIS B 265 31.01 2.73 -2.38
C HIS B 265 29.71 3.20 -3.02
N VAL B 266 29.81 3.89 -4.15
CA VAL B 266 28.65 4.51 -4.79
CA VAL B 266 28.65 4.49 -4.77
C VAL B 266 28.25 3.84 -6.09
N VAL B 267 26.98 3.46 -6.20
CA VAL B 267 26.42 2.97 -7.45
C VAL B 267 25.93 4.21 -8.19
N GLU B 268 26.54 4.49 -9.33
CA GLU B 268 26.22 5.67 -10.11
C GLU B 268 25.14 5.36 -11.14
N GLY B 269 23.93 5.86 -10.91
CA GLY B 269 22.83 5.62 -11.82
C GLY B 269 21.97 4.43 -11.42
N ALA B 270 21.29 3.85 -12.41
CA ALA B 270 20.45 2.68 -12.16
C ALA B 270 21.33 1.45 -12.07
N THR B 271 21.17 0.67 -11.01
CA THR B 271 22.02 -0.50 -10.81
C THR B 271 21.90 -1.47 -11.97
N GLY B 272 23.01 -1.69 -12.67
CA GLY B 272 23.01 -2.51 -13.88
C GLY B 272 22.33 -1.88 -15.08
N GLY B 273 22.00 -0.59 -14.96
CA GLY B 273 21.38 0.17 -16.04
C GLY B 273 22.09 1.48 -16.32
N PRO B 274 21.38 2.46 -16.90
CA PRO B 274 22.03 3.70 -17.33
C PRO B 274 22.68 4.50 -16.20
N ARG B 275 23.91 4.95 -16.45
CA ARG B 275 24.63 5.75 -15.47
C ARG B 275 23.98 7.13 -15.25
N ASP B 276 23.19 7.60 -16.22
CA ASP B 276 22.63 8.95 -16.11
C ASP B 276 21.17 8.89 -15.67
N PHE B 277 20.78 7.77 -15.09
CA PHE B 277 19.40 7.59 -14.63
C PHE B 277 19.06 8.63 -13.58
N LYS B 278 17.81 9.10 -13.59
CA LYS B 278 17.31 9.94 -12.50
CA LYS B 278 17.31 9.94 -12.50
C LYS B 278 15.86 9.61 -12.23
N GLN B 279 15.41 9.91 -11.02
CA GLN B 279 14.02 9.70 -10.66
C GLN B 279 13.26 11.01 -10.55
N GLY B 280 13.80 11.95 -9.78
CA GLY B 280 13.18 13.25 -9.65
C GLY B 280 13.26 14.08 -10.92
N ASP B 281 12.89 15.36 -10.81
CA ASP B 281 12.92 16.28 -11.93
C ASP B 281 14.36 16.58 -12.33
N LYS B 282 15.24 16.76 -11.34
CA LYS B 282 16.62 17.17 -11.57
C LYS B 282 17.58 15.98 -11.56
N PRO B 283 18.61 16.04 -12.40
CA PRO B 283 19.67 15.01 -12.36
C PRO B 283 20.40 15.06 -11.04
N PHE B 284 20.84 13.91 -10.56
CA PHE B 284 21.64 13.86 -9.36
C PHE B 284 23.02 14.41 -9.66
N ASP B 285 23.56 15.22 -8.74
CA ASP B 285 24.86 15.84 -8.92
C ASP B 285 25.89 15.07 -8.10
N TYR B 286 26.61 14.16 -8.75
CA TYR B 286 27.58 13.32 -8.05
C TYR B 286 28.78 14.11 -7.51
N ALA B 287 29.12 15.21 -8.17
CA ALA B 287 30.21 16.06 -7.70
C ALA B 287 29.84 16.77 -6.40
N SER B 288 28.62 17.29 -6.32
CA SER B 288 28.12 17.91 -5.10
C SER B 288 28.05 16.90 -3.98
N PHE B 289 27.63 15.67 -4.30
CA PHE B 289 27.54 14.58 -3.35
C PHE B 289 28.93 14.26 -2.77
N LYS B 290 29.92 14.09 -3.63
CA LYS B 290 31.26 13.76 -3.16
C LYS B 290 31.85 14.91 -2.35
N ALA B 291 31.61 16.14 -2.82
CA ALA B 291 32.11 17.31 -2.11
C ALA B 291 31.51 17.42 -0.71
N ALA B 292 30.24 17.03 -0.56
CA ALA B 292 29.59 17.07 0.74
C ALA B 292 30.32 16.14 1.72
N TYR B 293 30.78 15.00 1.22
CA TYR B 293 31.54 14.07 2.02
C TYR B 293 32.90 14.65 2.38
N ARG B 294 33.64 15.10 1.37
CA ARG B 294 35.00 15.60 1.59
C ARG B 294 35.00 16.86 2.47
N ASN B 295 34.04 17.75 2.23
CA ASN B 295 33.98 19.00 2.97
C ASN B 295 33.58 18.84 4.44
N ALA B 296 33.07 17.66 4.79
CA ALA B 296 32.77 17.33 6.17
C ALA B 296 33.97 16.71 6.86
N GLY B 297 35.07 16.56 6.11
CA GLY B 297 36.26 15.88 6.62
C GLY B 297 36.37 14.40 6.24
N GLY B 298 35.52 13.96 5.32
CA GLY B 298 35.52 12.55 4.94
C GLY B 298 36.79 12.13 4.20
N LYS B 299 37.46 11.10 4.70
CA LYS B 299 38.72 10.64 4.13
CA LYS B 299 38.71 10.64 4.12
C LYS B 299 38.64 9.20 3.61
N GLY B 300 37.45 8.63 3.59
CA GLY B 300 37.29 7.29 3.10
C GLY B 300 37.65 7.21 1.63
N LEU B 301 38.09 6.03 1.19
CA LEU B 301 38.33 5.79 -0.24
C LEU B 301 37.00 5.90 -0.97
N TRP B 302 36.98 6.66 -2.06
CA TRP B 302 35.76 6.85 -2.84
C TRP B 302 35.69 5.83 -3.98
N ILE B 303 34.89 4.79 -3.79
CA ILE B 303 34.81 3.68 -4.74
C ILE B 303 33.56 3.85 -5.58
N ALA B 304 33.70 3.90 -6.90
CA ALA B 304 32.54 4.10 -7.76
C ALA B 304 32.23 2.82 -8.51
N ASN B 305 30.96 2.65 -8.85
CA ASN B 305 30.50 1.48 -9.58
C ASN B 305 29.39 1.82 -10.55
N ASN B 306 29.27 0.97 -11.57
CA ASN B 306 28.12 0.83 -12.47
C ASN B 306 28.41 1.25 -13.90
N GLY B 307 28.52 0.26 -14.79
CA GLY B 307 28.70 0.53 -16.19
C GLY B 307 30.09 0.96 -16.57
N TYR B 308 31.06 0.76 -15.68
CA TYR B 308 32.44 1.09 -16.02
C TYR B 308 33.02 0.01 -16.91
N ASP B 309 33.93 0.44 -17.79
CA ASP B 309 34.78 -0.50 -18.51
C ASP B 309 36.24 -0.05 -18.38
N ARG B 310 37.14 -0.71 -19.09
CA ARG B 310 38.56 -0.44 -18.90
C ARG B 310 38.86 1.05 -19.08
N GLN B 311 38.44 1.62 -20.21
CA GLN B 311 38.83 2.99 -20.50
CA GLN B 311 38.76 3.00 -20.54
C GLN B 311 38.16 4.00 -19.57
N SER B 312 36.88 3.84 -19.28
CA SER B 312 36.21 4.77 -18.38
C SER B 312 36.72 4.69 -16.94
N ALA B 313 37.14 3.50 -16.52
CA ALA B 313 37.66 3.34 -15.16
C ALA B 313 39.03 4.02 -15.06
N ILE B 314 39.86 3.79 -16.07
CA ILE B 314 41.16 4.44 -16.13
C ILE B 314 41.01 5.96 -16.08
N GLU B 315 40.12 6.51 -16.90
CA GLU B 315 39.95 7.96 -16.94
C GLU B 315 39.35 8.50 -15.65
N ALA B 316 38.44 7.75 -15.02
CA ALA B 316 37.79 8.23 -13.81
C ALA B 316 38.78 8.35 -12.68
N VAL B 317 39.70 7.40 -12.59
CA VAL B 317 40.71 7.45 -11.54
C VAL B 317 41.79 8.49 -11.84
N GLU B 318 42.25 8.52 -13.09
CA GLU B 318 43.29 9.46 -13.49
C GLU B 318 42.86 10.91 -13.30
N SER B 319 41.59 11.20 -13.57
CA SER B 319 41.06 12.56 -13.48
C SER B 319 40.71 12.96 -12.05
N GLY B 320 40.79 12.01 -11.12
CA GLY B 320 40.47 12.29 -9.74
C GLY B 320 38.99 12.26 -9.39
N LYS B 321 38.14 11.89 -10.35
CA LYS B 321 36.70 11.82 -10.09
C LYS B 321 36.39 10.75 -9.03
N VAL B 322 37.08 9.63 -9.12
CA VAL B 322 36.90 8.55 -8.15
C VAL B 322 38.27 8.00 -7.71
N ASP B 323 38.32 7.34 -6.56
CA ASP B 323 39.58 6.77 -6.07
C ASP B 323 39.81 5.37 -6.60
N ALA B 324 38.73 4.65 -6.86
CA ALA B 324 38.81 3.25 -7.26
C ALA B 324 37.51 2.91 -7.95
N VAL B 325 37.52 1.82 -8.71
CA VAL B 325 36.33 1.38 -9.45
C VAL B 325 36.01 -0.07 -9.12
N ALA B 326 34.73 -0.30 -8.78
CA ALA B 326 34.25 -1.66 -8.53
C ALA B 326 33.58 -2.18 -9.79
N PHE B 327 34.00 -3.36 -10.24
CA PHE B 327 33.40 -4.01 -11.41
C PHE B 327 32.56 -5.20 -10.94
N GLY B 328 31.35 -5.32 -11.48
CA GLY B 328 30.45 -6.41 -11.15
C GLY B 328 30.51 -7.54 -12.16
N LYS B 329 29.78 -7.39 -13.26
CA LYS B 329 29.68 -8.48 -14.24
C LYS B 329 31.03 -8.89 -14.83
N ALA B 330 31.95 -7.94 -14.99
CA ALA B 330 33.24 -8.33 -15.56
C ALA B 330 33.97 -9.28 -14.62
N PHE B 331 33.80 -9.11 -13.32
CA PHE B 331 34.43 -10.01 -12.36
C PHE B 331 33.78 -11.39 -12.31
N ILE B 332 32.49 -11.48 -12.61
CA ILE B 332 31.87 -12.79 -12.73
C ILE B 332 32.65 -13.61 -13.75
N ALA B 333 32.94 -12.99 -14.89
CA ALA B 333 33.45 -13.70 -16.06
C ALA B 333 34.98 -13.72 -16.16
N ASN B 334 35.64 -12.93 -15.33
CA ASN B 334 37.09 -12.78 -15.47
C ASN B 334 37.76 -12.82 -14.10
N PRO B 335 38.19 -14.02 -13.68
CA PRO B 335 38.78 -14.11 -12.34
C PRO B 335 40.04 -13.26 -12.28
N ASP B 336 40.78 -13.21 -13.39
CA ASP B 336 42.00 -12.41 -13.47
C ASP B 336 41.77 -11.07 -14.17
N LEU B 337 40.63 -10.44 -13.85
CA LEU B 337 40.30 -9.14 -14.43
C LEU B 337 41.44 -8.13 -14.28
N VAL B 338 42.10 -8.13 -13.12
CA VAL B 338 43.18 -7.16 -12.91
C VAL B 338 44.28 -7.28 -13.97
N ARG B 339 44.78 -8.50 -14.18
CA ARG B 339 45.82 -8.72 -15.18
C ARG B 339 45.31 -8.40 -16.59
N ARG B 340 44.09 -8.80 -16.89
CA ARG B 340 43.51 -8.52 -18.21
C ARG B 340 43.41 -7.02 -18.45
N LEU B 341 42.93 -6.27 -17.46
CA LEU B 341 42.86 -4.83 -17.63
C LEU B 341 44.26 -4.23 -17.74
N LYS B 342 45.19 -4.71 -16.93
CA LYS B 342 46.54 -4.17 -16.96
C LYS B 342 47.18 -4.33 -18.35
N ASN B 343 46.98 -5.50 -18.95
CA ASN B 343 47.59 -5.80 -20.26
C ASN B 343 46.69 -5.45 -21.44
N ASP B 344 45.51 -4.91 -21.15
CA ASP B 344 44.52 -4.61 -22.17
C ASP B 344 44.23 -5.84 -23.02
N ALA B 345 43.97 -6.96 -22.33
CA ALA B 345 43.64 -8.22 -22.97
C ALA B 345 42.15 -8.33 -23.24
N PRO B 346 41.75 -9.30 -24.07
CA PRO B 346 40.32 -9.56 -24.20
C PRO B 346 39.73 -10.00 -22.86
N LEU B 347 38.41 -9.89 -22.71
CA LEU B 347 37.69 -10.41 -21.55
C LEU B 347 36.80 -11.56 -21.97
N ASN B 348 36.51 -12.47 -21.05
CA ASN B 348 35.43 -13.43 -21.26
C ASN B 348 34.11 -12.69 -21.11
N ALA B 349 33.10 -13.13 -21.85
CA ALA B 349 31.75 -12.58 -21.70
C ALA B 349 31.01 -13.31 -20.60
N PRO B 350 30.30 -12.55 -19.75
CA PRO B 350 29.48 -13.16 -18.70
C PRO B 350 28.31 -13.88 -19.32
N ASN B 351 27.98 -15.04 -18.76
CA ASN B 351 26.80 -15.78 -19.17
C ASN B 351 25.67 -15.59 -18.17
N GLN B 352 24.71 -14.73 -18.48
CA GLN B 352 23.68 -14.35 -17.51
C GLN B 352 22.89 -15.51 -16.90
N PRO B 353 22.56 -16.55 -17.69
CA PRO B 353 21.73 -17.62 -17.14
C PRO B 353 22.37 -18.37 -15.96
N THR B 354 23.68 -18.26 -15.79
CA THR B 354 24.33 -18.92 -14.65
C THR B 354 24.79 -17.96 -13.56
N PHE B 355 24.28 -16.72 -13.57
CA PHE B 355 24.60 -15.78 -12.50
C PHE B 355 24.10 -16.30 -11.16
N TYR B 356 22.86 -16.79 -11.14
CA TYR B 356 22.20 -17.14 -9.88
C TYR B 356 21.93 -18.63 -9.76
N GLY B 357 22.43 -19.22 -8.68
CA GLY B 357 22.18 -20.62 -8.38
C GLY B 357 23.04 -21.56 -9.20
N GLY B 358 22.82 -22.86 -9.02
CA GLY B 358 23.52 -23.86 -9.81
C GLY B 358 24.86 -24.26 -9.22
N GLY B 359 25.79 -24.62 -10.10
CA GLY B 359 27.04 -25.19 -9.67
C GLY B 359 28.25 -24.44 -10.21
N ALA B 360 29.35 -25.18 -10.39
CA ALA B 360 30.60 -24.58 -10.84
C ALA B 360 30.51 -23.93 -12.21
N GLU B 361 29.71 -24.50 -13.11
CA GLU B 361 29.59 -23.92 -14.44
C GLU B 361 29.03 -22.50 -14.36
N GLY B 362 29.77 -21.55 -14.94
CA GLY B 362 29.40 -20.14 -14.87
C GLY B 362 29.75 -19.52 -13.52
N TYR B 363 30.64 -20.17 -12.79
CA TYR B 363 31.00 -19.72 -11.44
C TYR B 363 32.50 -19.79 -11.23
N THR B 364 33.06 -20.99 -11.22
CA THR B 364 34.50 -21.16 -11.02
C THR B 364 35.22 -21.63 -12.29
N ASP B 365 34.50 -21.72 -13.40
CA ASP B 365 35.10 -22.27 -14.62
C ASP B 365 35.38 -21.24 -15.71
N TYR B 366 35.20 -19.96 -15.41
CA TYR B 366 35.64 -18.94 -16.35
C TYR B 366 37.16 -18.94 -16.33
N PRO B 367 37.78 -19.08 -17.50
CA PRO B 367 39.25 -19.25 -17.54
C PRO B 367 40.03 -17.96 -17.33
N ALA B 368 41.19 -18.12 -16.69
CA ALA B 368 42.18 -17.06 -16.61
C ALA B 368 43.07 -17.15 -17.84
N LEU B 369 43.77 -16.07 -18.16
CA LEU B 369 44.72 -16.09 -19.27
C LEU B 369 45.90 -16.97 -18.93
N ALA B 370 46.57 -17.49 -19.95
CA ALA B 370 47.73 -18.36 -19.76
C ALA B 370 48.85 -17.63 -19.06
N GLN B 371 49.70 -18.38 -18.36
CA GLN B 371 50.91 -17.84 -17.75
C GLN B 371 50.61 -16.80 -16.68
N THR C 2 -24.68 -39.90 18.46
CA THR C 2 -24.00 -38.96 17.57
C THR C 2 -22.52 -38.84 17.92
N SER C 3 -21.68 -38.88 16.90
CA SER C 3 -20.25 -38.73 17.07
C SER C 3 -19.83 -37.29 16.79
N LEU C 4 -18.90 -36.82 17.60
CA LEU C 4 -18.23 -35.54 17.37
C LEU C 4 -17.69 -35.44 15.93
N PHE C 5 -17.40 -36.59 15.31
CA PHE C 5 -16.70 -36.59 14.03
C PHE C 5 -17.63 -36.74 12.82
N GLU C 6 -18.93 -36.87 13.07
CA GLU C 6 -19.87 -37.06 11.96
C GLU C 6 -20.46 -35.73 11.50
N PRO C 7 -20.97 -35.69 10.26
CA PRO C 7 -21.46 -34.44 9.69
C PRO C 7 -22.68 -33.89 10.44
N ALA C 8 -22.95 -32.61 10.23
CA ALA C 8 -24.08 -31.95 10.85
C ALA C 8 -24.64 -30.93 9.87
N GLN C 9 -25.79 -30.39 10.22
CA GLN C 9 -26.40 -29.33 9.40
C GLN C 9 -26.73 -28.17 10.31
N ALA C 10 -26.32 -26.97 9.93
CA ALA C 10 -26.68 -25.75 10.64
C ALA C 10 -27.47 -24.87 9.68
N GLY C 11 -28.79 -24.98 9.74
CA GLY C 11 -29.61 -24.29 8.77
C GLY C 11 -29.25 -24.68 7.35
N ASP C 12 -28.84 -23.71 6.54
CA ASP C 12 -28.50 -23.96 5.13
C ASP C 12 -27.04 -24.41 4.97
N ILE C 13 -26.31 -24.52 6.06
CA ILE C 13 -24.89 -24.85 6.00
C ILE C 13 -24.61 -26.31 6.35
N ALA C 14 -23.96 -27.03 5.44
CA ALA C 14 -23.61 -28.43 5.66
C ALA C 14 -22.21 -28.52 6.27
N LEU C 15 -22.11 -29.11 7.46
CA LEU C 15 -20.82 -29.24 8.14
CA LEU C 15 -20.82 -29.24 8.15
C LEU C 15 -20.25 -30.65 7.99
N ALA C 16 -18.95 -30.74 7.71
CA ALA C 16 -18.30 -32.04 7.53
C ALA C 16 -18.18 -32.83 8.84
N ASN C 17 -18.16 -32.11 9.95
CA ASN C 17 -18.02 -32.72 11.27
C ASN C 17 -18.50 -31.73 12.31
N ARG C 18 -18.41 -32.08 13.58
CA ARG C 18 -19.00 -31.25 14.64
C ARG C 18 -17.95 -30.59 15.51
N ILE C 19 -16.75 -30.49 14.96
CA ILE C 19 -15.66 -29.76 15.57
C ILE C 19 -15.60 -28.35 14.97
N VAL C 20 -15.90 -27.36 15.79
CA VAL C 20 -16.01 -25.98 15.32
C VAL C 20 -14.81 -25.18 15.81
N MET C 21 -14.29 -24.30 14.95
CA MET C 21 -13.27 -23.35 15.39
C MET C 21 -13.96 -22.10 15.97
N ALA C 22 -13.76 -21.89 17.27
CA ALA C 22 -14.36 -20.76 17.95
C ALA C 22 -13.80 -19.45 17.42
N PRO C 23 -14.57 -18.37 17.54
CA PRO C 23 -14.07 -17.06 17.12
C PRO C 23 -12.89 -16.63 17.99
N LEU C 24 -11.81 -16.19 17.35
CA LEU C 24 -10.58 -15.84 18.05
C LEU C 24 -9.93 -14.57 17.50
N THR C 25 -10.09 -13.47 18.23
CA THR C 25 -9.43 -12.22 17.89
C THR C 25 -7.92 -12.38 17.92
N ARG C 26 -7.24 -12.03 16.82
CA ARG C 26 -5.79 -12.19 16.74
C ARG C 26 -5.03 -10.89 16.47
N ASN C 27 -5.75 -9.84 16.11
CA ASN C 27 -5.15 -8.52 15.86
C ASN C 27 -4.00 -8.54 14.88
N ARG C 28 -4.21 -9.20 13.75
CA ARG C 28 -3.18 -9.30 12.72
C ARG C 28 -3.68 -8.84 11.34
N SER C 29 -4.53 -7.82 11.34
CA SER C 29 -5.04 -7.25 10.11
C SER C 29 -4.98 -5.73 10.13
N PRO C 30 -3.79 -5.17 9.91
CA PRO C 30 -3.68 -3.70 9.93
C PRO C 30 -4.66 -3.05 8.96
N GLY C 31 -5.21 -1.91 9.36
CA GLY C 31 -6.12 -1.19 8.49
C GLY C 31 -7.49 -1.83 8.33
N ALA C 32 -7.76 -2.83 9.17
CA ALA C 32 -9.05 -3.52 9.16
C ALA C 32 -9.28 -4.29 7.86
N ILE C 33 -8.20 -4.68 7.22
CA ILE C 33 -8.25 -5.38 5.93
C ILE C 33 -7.51 -6.71 6.05
N PRO C 34 -8.21 -7.83 5.81
CA PRO C 34 -7.50 -9.12 5.88
C PRO C 34 -6.40 -9.22 4.82
N ASN C 35 -5.33 -9.93 5.14
CA ASN C 35 -4.20 -10.02 4.23
C ASN C 35 -3.81 -11.47 3.92
N ASN C 36 -2.68 -11.66 3.26
CA ASN C 36 -2.26 -13.00 2.85
C ASN C 36 -1.97 -13.94 4.02
N LEU C 37 -1.37 -13.41 5.07
CA LEU C 37 -1.06 -14.22 6.23
C LEU C 37 -2.35 -14.69 6.88
N ASN C 38 -3.34 -13.81 6.92
CA ASN C 38 -4.66 -14.19 7.45
C ASN C 38 -5.26 -15.34 6.65
N ALA C 39 -5.08 -15.31 5.32
CA ALA C 39 -5.63 -16.38 4.49
C ALA C 39 -4.94 -17.70 4.79
N THR C 40 -3.63 -17.65 4.97
CA THR C 40 -2.86 -18.85 5.33
C THR C 40 -3.39 -19.46 6.62
N TYR C 41 -3.57 -18.61 7.62
CA TYR C 41 -4.06 -19.02 8.94
C TYR C 41 -5.40 -19.77 8.89
N TYR C 42 -6.38 -19.20 8.20
CA TYR C 42 -7.68 -19.85 8.12
C TYR C 42 -7.63 -21.11 7.25
N GLU C 43 -6.88 -21.07 6.15
CA GLU C 43 -6.80 -22.25 5.28
C GLU C 43 -6.22 -23.44 6.04
N GLN C 44 -5.27 -23.16 6.93
CA GLN C 44 -4.64 -24.22 7.72
C GLN C 44 -5.64 -24.98 8.58
N ARG C 45 -6.77 -24.34 8.86
CA ARG C 45 -7.75 -24.86 9.81
C ARG C 45 -9.05 -25.25 9.13
N ALA C 46 -9.02 -25.32 7.81
CA ALA C 46 -10.23 -25.56 7.03
C ALA C 46 -10.83 -26.95 7.17
N THR C 47 -10.14 -27.87 7.86
CA THR C 47 -10.75 -29.17 8.13
C THR C 47 -11.79 -29.10 9.27
N ALA C 48 -11.82 -27.99 9.98
CA ALA C 48 -12.90 -27.76 10.96
C ALA C 48 -14.25 -27.91 10.26
N GLY C 49 -15.22 -28.50 10.95
CA GLY C 49 -16.55 -28.60 10.39
C GLY C 49 -17.11 -27.22 10.07
N LEU C 50 -16.83 -26.26 10.94
CA LEU C 50 -17.20 -24.88 10.69
C LEU C 50 -16.13 -24.00 11.34
N ILE C 51 -15.67 -23.00 10.60
CA ILE C 51 -14.86 -21.95 11.22
C ILE C 51 -15.74 -20.75 11.49
N VAL C 52 -15.69 -20.24 12.72
CA VAL C 52 -16.23 -18.91 13.04
C VAL C 52 -15.03 -17.97 13.07
N THR C 53 -15.08 -16.89 12.29
CA THR C 53 -13.93 -15.99 12.25
C THR C 53 -13.76 -15.26 13.57
N GLU C 54 -12.56 -14.69 13.76
CA GLU C 54 -12.35 -13.64 14.75
C GLU C 54 -13.47 -12.62 14.62
N GLY C 55 -13.79 -11.93 15.71
CA GLY C 55 -14.79 -10.88 15.63
C GLY C 55 -14.42 -9.92 14.54
N THR C 56 -15.38 -9.60 13.67
CA THR C 56 -15.12 -8.69 12.56
CA THR C 56 -15.12 -8.69 12.56
C THR C 56 -16.19 -7.60 12.54
N PRO C 57 -15.80 -6.37 12.88
CA PRO C 57 -16.81 -5.32 13.04
C PRO C 57 -17.55 -4.92 11.79
N ILE C 58 -18.82 -4.62 11.99
CA ILE C 58 -19.72 -4.18 10.93
C ILE C 58 -19.43 -2.74 10.51
N SER C 59 -18.64 -2.04 11.29
CA SER C 59 -18.40 -0.61 11.07
C SER C 59 -17.19 -0.21 11.90
N GLN C 60 -16.59 0.93 11.57
CA GLN C 60 -15.51 1.46 12.38
C GLN C 60 -16.01 1.78 13.80
N GLN C 61 -17.26 2.24 13.90
CA GLN C 61 -17.84 2.53 15.19
C GLN C 61 -17.86 1.25 16.03
N GLY C 62 -17.98 0.11 15.36
CA GLY C 62 -18.01 -1.15 16.08
C GLY C 62 -16.65 -1.72 16.46
N GLN C 63 -15.56 -1.02 16.10
CA GLN C 63 -14.20 -1.47 16.44
C GLN C 63 -13.84 -1.16 17.88
N GLY C 64 -13.19 -2.11 18.55
CA GLY C 64 -12.73 -1.89 19.91
C GLY C 64 -11.23 -2.09 20.09
N TYR C 65 -10.58 -2.68 19.09
CA TYR C 65 -9.14 -3.01 19.17
C TYR C 65 -8.42 -2.70 17.87
N ALA C 66 -7.11 -2.53 17.96
CA ALA C 66 -6.30 -2.24 16.79
C ALA C 66 -6.08 -3.48 15.90
N ASP C 67 -5.94 -3.24 14.61
CA ASP C 67 -5.54 -4.28 13.65
C ASP C 67 -6.53 -5.44 13.58
N VAL C 68 -7.80 -5.13 13.74
CA VAL C 68 -8.86 -6.13 13.64
C VAL C 68 -9.53 -5.97 12.27
N PRO C 69 -9.69 -7.08 11.54
CA PRO C 69 -10.31 -6.96 10.21
C PRO C 69 -11.79 -6.64 10.30
N GLY C 70 -12.30 -5.81 9.40
CA GLY C 70 -13.71 -5.45 9.40
C GLY C 70 -14.42 -5.88 8.14
N LEU C 71 -15.68 -5.48 8.02
CA LEU C 71 -16.46 -5.77 6.83
C LEU C 71 -16.96 -4.50 6.18
N TYR C 72 -16.33 -3.37 6.50
CA TYR C 72 -16.86 -2.08 6.07
C TYR C 72 -16.04 -1.38 4.98
N LYS C 73 -14.83 -1.88 4.71
CA LYS C 73 -14.04 -1.35 3.59
C LYS C 73 -14.13 -2.26 2.38
N ARG C 74 -14.12 -1.68 1.19
CA ARG C 74 -14.14 -2.49 -0.04
C ARG C 74 -12.95 -3.45 -0.03
N GLU C 75 -11.79 -2.92 0.35
CA GLU C 75 -10.56 -3.71 0.39
C GLU C 75 -10.66 -4.86 1.37
N ALA C 76 -11.43 -4.66 2.44
CA ALA C 76 -11.58 -5.69 3.46
C ALA C 76 -12.44 -6.83 2.94
N ILE C 77 -13.51 -6.48 2.22
CA ILE C 77 -14.34 -7.49 1.58
C ILE C 77 -13.52 -8.34 0.60
N GLU C 78 -12.67 -7.70 -0.21
CA GLU C 78 -11.78 -8.40 -1.13
CA GLU C 78 -11.81 -8.44 -1.11
C GLU C 78 -10.82 -9.33 -0.37
N GLY C 79 -10.28 -8.83 0.74
CA GLY C 79 -9.35 -9.65 1.51
C GLY C 79 -10.03 -10.87 2.10
N TRP C 80 -11.27 -10.69 2.55
CA TRP C 80 -12.04 -11.79 3.10
C TRP C 80 -12.38 -12.81 2.02
N LYS C 81 -12.64 -12.33 0.81
CA LYS C 81 -12.99 -13.24 -0.28
C LYS C 81 -11.85 -14.23 -0.53
N LYS C 82 -10.63 -13.75 -0.45
CA LYS C 82 -9.48 -14.62 -0.63
CA LYS C 82 -9.47 -14.61 -0.62
C LYS C 82 -9.47 -15.69 0.46
N ILE C 83 -9.84 -15.29 1.67
CA ILE C 83 -9.87 -16.21 2.80
C ILE C 83 -10.96 -17.25 2.65
N THR C 84 -12.18 -16.81 2.32
CA THR C 84 -13.26 -17.78 2.20
C THR C 84 -13.05 -18.73 1.01
N ASP C 85 -12.51 -18.22 -0.08
CA ASP C 85 -12.21 -19.05 -1.24
C ASP C 85 -11.21 -20.15 -0.86
N GLY C 86 -10.20 -19.77 -0.10
CA GLY C 86 -9.18 -20.71 0.34
C GLY C 86 -9.74 -21.78 1.25
N VAL C 87 -10.59 -21.36 2.19
CA VAL C 87 -11.22 -22.31 3.10
C VAL C 87 -12.10 -23.29 2.32
N HIS C 88 -12.88 -22.75 1.40
CA HIS C 88 -13.78 -23.59 0.60
C HIS C 88 -13.03 -24.60 -0.25
N SER C 89 -11.97 -24.15 -0.90
CA SER C 89 -11.18 -25.04 -1.75
CA SER C 89 -11.19 -25.04 -1.76
C SER C 89 -10.57 -26.18 -0.95
N ALA C 90 -10.37 -25.95 0.34
CA ALA C 90 -9.83 -26.97 1.23
C ALA C 90 -10.92 -27.77 1.94
N GLY C 91 -12.16 -27.62 1.49
CA GLY C 91 -13.27 -28.41 2.00
C GLY C 91 -13.98 -27.87 3.23
N GLY C 92 -13.72 -26.61 3.57
CA GLY C 92 -14.27 -26.06 4.80
C GLY C 92 -15.52 -25.22 4.61
N LYS C 93 -16.06 -24.75 5.73
CA LYS C 93 -17.19 -23.82 5.73
C LYS C 93 -16.86 -22.76 6.77
N ILE C 94 -17.33 -21.54 6.54
CA ILE C 94 -16.89 -20.43 7.37
C ILE C 94 -17.97 -19.36 7.50
N VAL C 95 -18.17 -18.90 8.73
CA VAL C 95 -19.09 -17.80 9.00
C VAL C 95 -18.34 -16.64 9.64
N ALA C 96 -18.75 -15.43 9.29
CA ALA C 96 -18.14 -14.22 9.83
C ALA C 96 -18.79 -13.87 11.15
N GLN C 97 -18.00 -13.66 12.20
CA GLN C 97 -18.57 -13.22 13.47
C GLN C 97 -18.74 -11.71 13.44
N ILE C 98 -19.91 -11.25 13.01
CA ILE C 98 -20.14 -9.83 12.81
C ILE C 98 -20.28 -9.12 14.16
N TRP C 99 -19.51 -8.05 14.33
CA TRP C 99 -19.20 -7.55 15.67
C TRP C 99 -19.50 -6.07 15.84
N HIS C 100 -20.00 -5.72 17.02
CA HIS C 100 -19.98 -4.32 17.46
C HIS C 100 -19.60 -4.34 18.93
N VAL C 101 -18.54 -3.62 19.27
CA VAL C 101 -18.01 -3.66 20.64
C VAL C 101 -18.75 -2.79 21.65
N GLY C 102 -19.60 -1.88 21.18
CA GLY C 102 -20.26 -0.95 22.08
C GLY C 102 -19.24 -0.17 22.89
N ARG C 103 -19.42 -0.14 24.21
CA ARG C 103 -18.58 0.72 25.05
C ARG C 103 -17.12 0.27 25.16
N ILE C 104 -16.80 -0.92 24.68
CA ILE C 104 -15.42 -1.41 24.79
C ILE C 104 -14.59 -0.93 23.60
N SER C 105 -14.21 0.34 23.63
CA SER C 105 -13.41 0.91 22.55
C SER C 105 -12.67 2.14 23.05
N HIS C 106 -12.04 2.85 22.12
CA HIS C 106 -11.25 4.02 22.46
C HIS C 106 -11.47 5.06 21.39
N THR C 107 -11.46 6.33 21.77
CA THR C 107 -11.70 7.41 20.80
C THR C 107 -10.79 7.32 19.59
N SER C 108 -9.56 6.87 19.78
CA SER C 108 -8.61 6.84 18.67
C SER C 108 -8.99 5.83 17.58
N LEU C 109 -9.89 4.91 17.92
CA LEU C 109 -10.34 3.88 16.97
C LEU C 109 -11.67 4.26 16.31
N GLN C 110 -12.34 5.27 16.86
CA GLN C 110 -13.68 5.66 16.42
C GLN C 110 -13.66 6.65 15.28
N PRO C 111 -14.71 6.62 14.44
CA PRO C 111 -14.81 7.65 13.41
C PRO C 111 -14.94 9.04 14.03
N HIS C 112 -14.29 10.01 13.41
CA HIS C 112 -14.32 11.39 13.88
C HIS C 112 -13.71 11.53 15.29
N GLY C 113 -13.03 10.49 15.73
CA GLY C 113 -12.42 10.51 17.05
C GLY C 113 -13.48 10.53 18.14
N GLY C 114 -14.63 9.96 17.83
CA GLY C 114 -15.79 10.06 18.71
C GLY C 114 -15.82 9.13 19.91
N GLN C 115 -16.82 9.35 20.75
CA GLN C 115 -17.06 8.49 21.91
CA GLN C 115 -17.05 8.49 21.91
C GLN C 115 -17.61 7.15 21.46
N PRO C 116 -17.12 6.05 22.05
CA PRO C 116 -17.78 4.77 21.80
C PRO C 116 -19.25 4.87 22.18
N VAL C 117 -20.11 4.07 21.57
CA VAL C 117 -21.53 4.12 21.85
C VAL C 117 -21.97 2.91 22.67
N ALA C 118 -23.05 3.07 23.41
CA ALA C 118 -23.51 2.04 24.32
C ALA C 118 -24.94 2.35 24.75
N PRO C 119 -25.64 1.36 25.33
CA PRO C 119 -27.00 1.69 25.78
C PRO C 119 -27.00 2.75 26.88
N SER C 120 -26.02 2.71 27.77
CA SER C 120 -25.92 3.71 28.85
C SER C 120 -24.50 4.22 28.97
N ALA C 121 -24.36 5.46 29.43
CA ALA C 121 -23.04 6.07 29.55
C ALA C 121 -22.32 5.62 30.80
N ILE C 122 -21.97 4.33 30.85
CA ILE C 122 -21.24 3.77 31.97
C ILE C 122 -19.93 3.23 31.42
N THR C 123 -18.83 3.84 31.84
CA THR C 123 -17.51 3.47 31.35
C THR C 123 -17.14 2.09 31.86
N ALA C 124 -16.63 1.23 30.98
CA ALA C 124 -16.11 -0.08 31.39
C ALA C 124 -14.75 0.05 32.05
N LYS C 125 -14.53 -0.76 33.08
CA LYS C 125 -13.20 -0.92 33.63
C LYS C 125 -12.50 -1.96 32.76
N SER C 126 -12.03 -1.49 31.61
CA SER C 126 -11.41 -2.35 30.61
CA SER C 126 -11.42 -2.35 30.60
C SER C 126 -10.32 -1.59 29.88
N LYS C 127 -9.50 -2.30 29.10
CA LYS C 127 -8.41 -1.67 28.37
C LYS C 127 -8.30 -2.19 26.95
N THR C 128 -7.65 -1.40 26.11
CA THR C 128 -7.38 -1.78 24.73
C THR C 128 -6.02 -1.19 24.38
N TYR C 129 -5.17 -1.95 23.69
CA TYR C 129 -3.81 -1.49 23.40
C TYR C 129 -3.79 -0.42 22.31
N ILE C 130 -3.17 0.71 22.59
CA ILE C 130 -3.14 1.83 21.66
C ILE C 130 -1.72 2.31 21.40
N ILE C 131 -1.39 2.53 20.12
CA ILE C 131 -0.08 3.02 19.74
C ILE C 131 -0.15 4.48 19.28
N ASN C 132 0.75 5.31 19.82
CA ASN C 132 0.83 6.71 19.41
C ASN C 132 1.69 6.87 18.16
N ASP C 133 1.45 7.95 17.42
CA ASP C 133 2.21 8.23 16.20
C ASP C 133 3.71 8.24 16.43
N ASP C 134 4.14 8.54 17.65
CA ASP C 134 5.56 8.63 17.96
C ASP C 134 6.19 7.25 18.14
N GLY C 135 5.37 6.21 18.02
CA GLY C 135 5.86 4.84 18.04
C GLY C 135 5.75 4.14 19.38
N THR C 136 5.46 4.90 20.44
CA THR C 136 5.24 4.30 21.75
C THR C 136 3.83 3.74 21.84
N GLY C 137 3.64 2.73 22.67
CA GLY C 137 2.36 2.08 22.81
C GLY C 137 2.09 1.68 24.25
N ALA C 138 0.81 1.56 24.59
CA ALA C 138 0.41 1.11 25.91
C ALA C 138 -1.06 0.72 25.92
N PHE C 139 -1.47 0.00 26.95
CA PHE C 139 -2.88 -0.28 27.15
C PHE C 139 -3.55 0.99 27.65
N ALA C 140 -4.53 1.47 26.90
CA ALA C 140 -5.30 2.64 27.30
C ALA C 140 -6.60 2.15 27.91
N GLU C 141 -7.10 2.90 28.89
CA GLU C 141 -8.42 2.61 29.44
C GLU C 141 -9.46 2.88 28.37
N THR C 142 -10.48 2.03 28.28
CA THR C 142 -11.54 2.27 27.31
C THR C 142 -12.18 3.63 27.60
N SER C 143 -12.66 4.27 26.54
CA SER C 143 -13.16 5.63 26.60
C SER C 143 -14.56 5.71 27.18
N GLU C 144 -14.92 6.89 27.67
CA GLU C 144 -16.27 7.13 28.18
C GLU C 144 -17.25 6.98 27.04
N PRO C 145 -18.25 6.11 27.20
CA PRO C 145 -19.21 5.91 26.10
C PRO C 145 -20.38 6.87 26.15
N ARG C 146 -20.97 7.12 24.98
CA ARG C 146 -22.15 7.98 24.86
C ARG C 146 -23.37 7.08 24.76
N ALA C 147 -24.46 7.47 25.43
CA ALA C 147 -25.68 6.68 25.38
C ALA C 147 -26.39 6.85 24.04
N LEU C 148 -26.75 5.72 23.42
CA LEU C 148 -27.40 5.71 22.13
C LEU C 148 -28.78 6.32 22.12
N THR C 149 -29.06 7.14 21.09
CA THR C 149 -30.42 7.59 20.88
C THR C 149 -31.18 6.57 20.05
N ILE C 150 -32.49 6.72 19.95
CA ILE C 150 -33.28 5.84 19.11
C ILE C 150 -32.80 5.90 17.66
N ASP C 151 -32.51 7.10 17.18
CA ASP C 151 -31.98 7.26 15.82
C ASP C 151 -30.65 6.53 15.66
N ASP C 152 -29.76 6.67 16.65
CA ASP C 152 -28.47 5.98 16.60
C ASP C 152 -28.66 4.47 16.45
N ILE C 153 -29.62 3.92 17.19
CA ILE C 153 -29.89 2.49 17.17
C ILE C 153 -30.32 2.08 15.76
N GLY C 154 -31.14 2.92 15.13
CA GLY C 154 -31.55 2.63 13.76
C GLY C 154 -30.37 2.56 12.81
N LEU C 155 -29.42 3.45 13.01
CA LEU C 155 -28.23 3.46 12.15
C LEU C 155 -27.39 2.20 12.36
N ILE C 156 -27.29 1.75 13.60
CA ILE C 156 -26.55 0.52 13.87
C ILE C 156 -27.24 -0.68 13.24
N LEU C 157 -28.57 -0.73 13.29
CA LEU C 157 -29.27 -1.85 12.66
C LEU C 157 -28.92 -1.87 11.18
N GLU C 158 -28.86 -0.70 10.57
CA GLU C 158 -28.53 -0.63 9.15
C GLU C 158 -27.10 -1.11 8.90
N ASP C 159 -26.19 -0.81 9.83
CA ASP C 159 -24.83 -1.35 9.75
C ASP C 159 -24.78 -2.87 9.85
N TYR C 160 -25.68 -3.46 10.64
CA TYR C 160 -25.77 -4.92 10.69
C TYR C 160 -26.28 -5.49 9.37
N ARG C 161 -27.24 -4.80 8.76
CA ARG C 161 -27.72 -5.23 7.45
C ARG C 161 -26.58 -5.19 6.45
N SER C 162 -25.86 -4.07 6.39
CA SER C 162 -24.75 -3.90 5.46
CA SER C 162 -24.78 -3.95 5.42
C SER C 162 -23.63 -4.89 5.73
N GLY C 163 -23.41 -5.17 7.02
CA GLY C 163 -22.35 -6.07 7.42
C GLY C 163 -22.65 -7.51 7.02
N ALA C 164 -23.89 -7.92 7.22
CA ALA C 164 -24.32 -9.25 6.80
C ALA C 164 -24.24 -9.39 5.28
N ARG C 165 -24.67 -8.34 4.57
CA ARG C 165 -24.60 -8.30 3.11
C ARG C 165 -23.14 -8.42 2.66
N ALA C 166 -22.26 -7.68 3.33
CA ALA C 166 -20.83 -7.71 2.99
C ALA C 166 -20.23 -9.10 3.23
N ALA C 167 -20.66 -9.76 4.30
CA ALA C 167 -20.20 -11.13 4.57
C ALA C 167 -20.55 -12.06 3.41
N LEU C 168 -21.79 -12.00 2.93
CA LEU C 168 -22.18 -12.80 1.77
CA LEU C 168 -22.16 -12.80 1.77
C LEU C 168 -21.36 -12.42 0.53
N GLU C 169 -21.12 -11.12 0.35
CA GLU C 169 -20.34 -10.68 -0.81
C GLU C 169 -18.93 -11.25 -0.74
N ALA C 170 -18.43 -11.37 0.48
CA ALA C 170 -17.08 -11.87 0.73
C ALA C 170 -17.02 -13.39 0.68
N GLY C 171 -18.15 -14.01 0.37
CA GLY C 171 -18.18 -15.45 0.18
C GLY C 171 -18.36 -16.29 1.43
N PHE C 172 -18.73 -15.67 2.55
CA PHE C 172 -19.00 -16.45 3.76
C PHE C 172 -20.25 -17.31 3.57
N ASP C 173 -20.31 -18.43 4.31
CA ASP C 173 -21.47 -19.30 4.27
C ASP C 173 -22.60 -18.77 5.13
N GLY C 174 -22.29 -17.78 5.95
CA GLY C 174 -23.28 -17.18 6.82
C GLY C 174 -22.58 -16.29 7.82
N VAL C 175 -23.29 -15.90 8.88
CA VAL C 175 -22.69 -15.09 9.93
C VAL C 175 -23.05 -15.62 11.30
N GLU C 176 -22.17 -15.36 12.26
CA GLU C 176 -22.51 -15.49 13.67
C GLU C 176 -22.61 -14.08 14.24
N ILE C 177 -23.78 -13.72 14.74
CA ILE C 177 -23.93 -12.43 15.38
C ILE C 177 -23.22 -12.48 16.74
N HIS C 178 -22.26 -11.59 16.96
CA HIS C 178 -21.57 -11.56 18.25
C HIS C 178 -22.46 -10.88 19.28
N ALA C 179 -23.13 -11.68 20.11
CA ALA C 179 -24.00 -11.15 21.15
C ALA C 179 -23.48 -11.59 22.52
N ALA C 180 -22.17 -11.75 22.62
CA ALA C 180 -21.56 -12.32 23.81
C ALA C 180 -20.49 -11.41 24.41
N ASN C 181 -19.86 -11.91 25.48
CA ASN C 181 -18.65 -11.32 26.06
C ASN C 181 -18.68 -9.82 26.33
N GLY C 182 -19.83 -9.31 26.77
CA GLY C 182 -19.89 -7.92 27.20
C GLY C 182 -19.84 -6.87 26.12
N TYR C 183 -20.09 -7.25 24.86
CA TYR C 183 -20.06 -6.26 23.79
C TYR C 183 -21.43 -5.61 23.59
N LEU C 184 -21.63 -4.91 22.48
CA LEU C 184 -22.81 -4.04 22.39
C LEU C 184 -24.14 -4.72 22.72
N ILE C 185 -24.41 -5.85 22.09
CA ILE C 185 -25.73 -6.47 22.26
C ILE C 185 -25.90 -6.91 23.71
N GLU C 186 -24.84 -7.44 24.30
CA GLU C 186 -24.90 -7.85 25.69
C GLU C 186 -25.01 -6.67 26.65
N GLN C 187 -24.45 -5.53 26.25
CA GLN C 187 -24.58 -4.31 27.04
C GLN C 187 -26.05 -3.94 27.20
N PHE C 188 -26.82 -4.10 26.12
CA PHE C 188 -28.27 -3.93 26.19
C PHE C 188 -28.93 -5.01 27.06
N LEU C 189 -28.47 -6.25 26.91
CA LEU C 189 -29.11 -7.35 27.65
C LEU C 189 -28.97 -7.28 29.16
N LYS C 190 -27.77 -6.97 29.64
CA LYS C 190 -27.43 -7.12 31.05
C LYS C 190 -27.62 -5.86 31.90
N SER C 191 -27.97 -6.08 33.16
CA SER C 191 -28.40 -4.99 34.02
CA SER C 191 -28.39 -5.00 34.06
C SER C 191 -27.29 -4.00 34.38
N SER C 192 -26.05 -4.46 34.44
CA SER C 192 -24.99 -3.56 34.91
C SER C 192 -24.67 -2.49 33.88
N THR C 193 -25.00 -2.77 32.62
CA THR C 193 -24.65 -1.89 31.52
C THR C 193 -25.84 -1.11 30.97
N ASN C 194 -27.05 -1.53 31.33
CA ASN C 194 -28.24 -0.92 30.78
C ASN C 194 -29.08 -0.29 31.88
N GLN C 195 -29.03 1.02 31.97
CA GLN C 195 -29.87 1.76 32.92
C GLN C 195 -30.86 2.63 32.17
N ARG C 196 -31.15 2.27 30.93
CA ARG C 196 -32.10 3.04 30.11
C ARG C 196 -33.51 2.97 30.70
N THR C 197 -34.29 4.00 30.44
CA THR C 197 -35.65 4.04 30.93
C THR C 197 -36.65 4.06 29.79
N ASP C 198 -36.17 3.83 28.58
CA ASP C 198 -37.03 3.79 27.40
C ASP C 198 -37.37 2.34 27.04
N ASP C 199 -37.80 2.11 25.80
CA ASP C 199 -38.25 0.79 25.39
C ASP C 199 -37.11 -0.22 25.27
N TYR C 200 -35.88 0.24 25.44
CA TYR C 200 -34.72 -0.66 25.36
C TYR C 200 -34.10 -0.97 26.73
N GLY C 201 -34.74 -0.49 27.79
CA GLY C 201 -34.22 -0.73 29.14
C GLY C 201 -35.31 -1.22 30.09
N GLY C 202 -34.88 -1.76 31.22
CA GLY C 202 -35.82 -2.15 32.25
C GLY C 202 -36.17 -3.62 32.21
N SER C 203 -37.34 -3.93 31.65
CA SER C 203 -37.85 -5.29 31.63
C SER C 203 -36.98 -6.17 30.74
N ILE C 204 -37.07 -7.48 30.98
CA ILE C 204 -36.40 -8.45 30.13
C ILE C 204 -36.74 -8.27 28.66
N GLU C 205 -38.03 -8.06 28.38
CA GLU C 205 -38.47 -7.89 26.99
C GLU C 205 -37.80 -6.68 26.36
N ASN C 206 -37.69 -5.59 27.12
CA ASN C 206 -37.06 -4.39 26.61
C ASN C 206 -35.56 -4.56 26.40
N ARG C 207 -34.91 -5.25 27.33
CA ARG C 207 -33.47 -5.41 27.26
C ARG C 207 -33.04 -6.36 26.13
N ALA C 208 -33.92 -7.31 25.82
CA ALA C 208 -33.67 -8.22 24.70
C ALA C 208 -34.09 -7.63 23.37
N ARG C 209 -34.75 -6.46 23.41
CA ARG C 209 -35.32 -5.88 22.21
C ARG C 209 -34.28 -5.66 21.11
N PHE C 210 -33.16 -5.06 21.49
CA PHE C 210 -32.09 -4.79 20.52
C PHE C 210 -31.54 -6.06 19.90
N LEU C 211 -31.21 -7.04 20.73
CA LEU C 211 -30.71 -8.31 20.21
C LEU C 211 -31.66 -8.86 19.16
N LEU C 212 -32.96 -8.85 19.45
CA LEU C 212 -33.93 -9.42 18.52
C LEU C 212 -34.07 -8.60 17.25
N GLU C 213 -33.95 -7.27 17.36
CA GLU C 213 -33.93 -6.43 16.16
C GLU C 213 -32.71 -6.71 15.29
N VAL C 214 -31.57 -6.94 15.92
CA VAL C 214 -30.36 -7.27 15.15
C VAL C 214 -30.55 -8.58 14.42
N VAL C 215 -31.01 -9.60 15.14
CA VAL C 215 -31.26 -10.90 14.54
C VAL C 215 -32.26 -10.78 13.37
N ASP C 216 -33.35 -10.05 13.58
CA ASP C 216 -34.35 -9.96 12.54
C ASP C 216 -33.83 -9.20 11.31
N ALA C 217 -32.98 -8.21 11.55
CA ALA C 217 -32.38 -7.45 10.45
C ALA C 217 -31.42 -8.32 9.66
N VAL C 218 -30.55 -9.04 10.36
CA VAL C 218 -29.57 -9.89 9.72
C VAL C 218 -30.28 -11.04 8.99
N ALA C 219 -31.23 -11.68 9.64
CA ALA C 219 -31.93 -12.81 9.02
C ALA C 219 -32.70 -12.38 7.77
N GLU C 220 -33.26 -11.18 7.78
CA GLU C 220 -33.99 -10.67 6.63
C GLU C 220 -33.04 -10.46 5.46
N GLU C 221 -31.85 -9.96 5.77
CA GLU C 221 -30.88 -9.65 4.74
C GLU C 221 -30.28 -10.89 4.08
N ILE C 222 -29.87 -11.87 4.88
CA ILE C 222 -29.14 -13.01 4.32
C ILE C 222 -29.84 -14.36 4.44
N GLY C 223 -30.98 -14.38 5.12
CA GLY C 223 -31.71 -15.60 5.36
C GLY C 223 -31.47 -16.15 6.76
N ALA C 224 -32.55 -16.53 7.42
CA ALA C 224 -32.45 -17.11 8.76
C ALA C 224 -31.52 -18.34 8.76
N GLY C 225 -31.57 -19.10 7.66
CA GLY C 225 -30.80 -20.32 7.53
C GLY C 225 -29.30 -20.10 7.38
N ARG C 226 -28.88 -18.85 7.27
CA ARG C 226 -27.46 -18.54 7.24
C ARG C 226 -27.07 -17.66 8.41
N THR C 227 -27.96 -17.56 9.40
CA THR C 227 -27.76 -16.68 10.55
C THR C 227 -27.68 -17.45 11.86
N GLY C 228 -26.59 -17.25 12.59
CA GLY C 228 -26.47 -17.79 13.94
C GLY C 228 -26.12 -16.67 14.91
N ILE C 229 -26.01 -17.01 16.18
CA ILE C 229 -25.76 -15.98 17.20
C ILE C 229 -25.00 -16.61 18.36
N ARG C 230 -24.09 -15.85 18.96
CA ARG C 230 -23.32 -16.34 20.10
C ARG C 230 -23.78 -15.65 21.37
N LEU C 231 -24.04 -16.45 22.40
CA LEU C 231 -24.54 -15.97 23.69
C LEU C 231 -23.64 -16.47 24.82
N SER C 232 -23.53 -15.69 25.89
CA SER C 232 -22.66 -16.00 27.02
C SER C 232 -23.33 -15.50 28.31
N PRO C 233 -24.25 -16.30 28.85
CA PRO C 233 -25.12 -15.86 29.94
C PRO C 233 -24.42 -15.34 31.19
N VAL C 234 -23.30 -15.92 31.60
CA VAL C 234 -22.72 -15.60 32.91
C VAL C 234 -21.32 -15.00 32.85
N THR C 235 -20.82 -14.74 31.65
CA THR C 235 -19.43 -14.33 31.54
C THR C 235 -19.15 -12.95 32.17
N PRO C 236 -18.02 -12.83 32.88
CA PRO C 236 -17.65 -11.56 33.50
C PRO C 236 -16.79 -10.71 32.56
N ALA C 237 -16.64 -11.17 31.32
CA ALA C 237 -15.82 -10.46 30.35
C ALA C 237 -16.22 -8.99 30.20
N ASN C 238 -15.23 -8.14 30.05
CA ASN C 238 -15.45 -6.72 29.77
C ASN C 238 -16.36 -6.05 30.79
N ASP C 239 -16.18 -6.46 32.04
CA ASP C 239 -16.66 -5.73 33.20
C ASP C 239 -18.17 -5.81 33.37
N ILE C 240 -18.80 -6.78 32.73
CA ILE C 240 -20.26 -6.84 32.71
C ILE C 240 -20.80 -7.74 33.83
N PHE C 241 -22.04 -7.48 34.25
CA PHE C 241 -22.65 -8.22 35.37
C PHE C 241 -24.15 -8.30 35.18
N GLU C 242 -24.70 -9.48 35.48
CA GLU C 242 -26.14 -9.72 35.49
C GLU C 242 -26.43 -10.70 36.63
N ALA C 243 -27.27 -10.27 37.56
CA ALA C 243 -27.54 -11.07 38.76
C ALA C 243 -28.62 -12.14 38.56
N ASP C 244 -29.41 -12.02 37.50
CA ASP C 244 -30.54 -12.93 37.31
C ASP C 244 -30.66 -13.35 35.84
N PRO C 245 -29.66 -14.05 35.34
CA PRO C 245 -29.63 -14.36 33.89
C PRO C 245 -30.65 -15.38 33.40
N GLN C 246 -31.18 -16.25 34.25
CA GLN C 246 -32.03 -17.31 33.71
C GLN C 246 -33.30 -16.79 33.03
N PRO C 247 -34.07 -15.92 33.70
CA PRO C 247 -35.29 -15.47 33.01
C PRO C 247 -34.96 -14.67 31.76
N LEU C 248 -33.89 -13.89 31.82
CA LEU C 248 -33.45 -13.05 30.72
C LEU C 248 -33.10 -13.93 29.53
N TYR C 249 -32.22 -14.89 29.76
CA TYR C 249 -31.71 -15.71 28.67
C TYR C 249 -32.73 -16.73 28.19
N ASN C 250 -33.55 -17.24 29.09
CA ASN C 250 -34.61 -18.15 28.65
C ASN C 250 -35.58 -17.42 27.74
N TYR C 251 -35.91 -16.17 28.06
CA TYR C 251 -36.73 -15.35 27.16
C TYR C 251 -36.06 -15.17 25.80
N VAL C 252 -34.77 -14.83 25.82
CA VAL C 252 -34.04 -14.62 24.57
C VAL C 252 -34.17 -15.83 23.65
N VAL C 253 -33.93 -17.03 24.16
CA VAL C 253 -33.99 -18.20 23.27
C VAL C 253 -35.41 -18.66 22.99
N GLU C 254 -36.35 -18.36 23.87
CA GLU C 254 -37.75 -18.59 23.52
C GLU C 254 -38.07 -17.80 22.25
N GLN C 255 -37.58 -16.57 22.20
CA GLN C 255 -37.81 -15.72 21.04
C GLN C 255 -37.00 -16.18 19.83
N LEU C 256 -35.74 -16.57 20.06
CA LEU C 256 -34.92 -17.04 18.95
C LEU C 256 -35.45 -18.36 18.38
N GLY C 257 -36.11 -19.15 19.22
CA GLY C 257 -36.66 -20.43 18.78
C GLY C 257 -37.75 -20.27 17.73
N LYS C 258 -38.25 -19.05 17.59
CA LYS C 258 -39.32 -18.74 16.62
C LYS C 258 -38.76 -18.26 15.29
N ARG C 259 -37.44 -18.18 15.19
CA ARG C 259 -36.80 -17.44 14.10
C ARG C 259 -36.03 -18.26 13.08
N ASN C 260 -36.12 -19.58 13.19
CA ASN C 260 -35.57 -20.47 12.17
CA ASN C 260 -35.58 -20.49 12.18
C ASN C 260 -34.09 -20.28 11.91
N LEU C 261 -33.33 -20.02 12.98
CA LEU C 261 -31.90 -19.72 12.82
C LEU C 261 -31.07 -20.98 12.56
N ALA C 262 -29.87 -20.76 12.04
CA ALA C 262 -28.97 -21.86 11.66
C ALA C 262 -28.32 -22.50 12.88
N PHE C 263 -27.91 -21.68 13.84
CA PHE C 263 -27.22 -22.19 15.02
C PHE C 263 -27.26 -21.21 16.18
N ILE C 264 -27.16 -21.77 17.38
CA ILE C 264 -26.96 -21.00 18.60
C ILE C 264 -25.62 -21.47 19.16
N HIS C 265 -24.73 -20.53 19.45
CA HIS C 265 -23.40 -20.83 19.95
C HIS C 265 -23.33 -20.30 21.37
N VAL C 266 -23.15 -21.20 22.34
CA VAL C 266 -23.21 -20.83 23.76
CA VAL C 266 -23.20 -20.81 23.75
C VAL C 266 -21.87 -20.98 24.47
N VAL C 267 -21.43 -19.91 25.12
CA VAL C 267 -20.25 -19.96 25.97
C VAL C 267 -20.76 -20.40 27.35
N GLU C 268 -20.30 -21.56 27.81
CA GLU C 268 -20.77 -22.14 29.07
C GLU C 268 -19.82 -21.75 30.19
N GLY C 269 -20.23 -20.77 31.00
CA GLY C 269 -19.40 -20.29 32.10
C GLY C 269 -18.66 -19.00 31.80
N ALA C 270 -17.62 -18.73 32.57
CA ALA C 270 -16.80 -17.55 32.32
C ALA C 270 -15.95 -17.80 31.06
N THR C 271 -15.93 -16.85 30.13
CA THR C 271 -15.18 -17.06 28.89
C THR C 271 -13.72 -17.27 29.19
N GLY C 272 -13.21 -18.45 28.85
CA GLY C 272 -11.83 -18.81 29.15
C GLY C 272 -11.57 -19.10 30.62
N GLY C 273 -12.65 -19.22 31.39
CA GLY C 273 -12.59 -19.49 32.82
C GLY C 273 -13.52 -20.63 33.20
N PRO C 274 -13.88 -20.71 34.50
CA PRO C 274 -14.63 -21.87 34.99
C PRO C 274 -15.99 -22.06 34.32
N ARG C 275 -16.29 -23.30 33.97
CA ARG C 275 -17.56 -23.64 33.36
C ARG C 275 -18.74 -23.46 34.30
N ASP C 276 -18.48 -23.54 35.61
CA ASP C 276 -19.54 -23.41 36.60
C ASP C 276 -19.62 -22.01 37.21
N PHE C 277 -18.98 -21.05 36.55
CA PHE C 277 -19.01 -19.67 36.99
C PHE C 277 -20.45 -19.16 37.11
N LYS C 278 -20.70 -18.34 38.13
CA LYS C 278 -21.98 -17.66 38.26
CA LYS C 278 -21.98 -17.65 38.24
C LYS C 278 -21.73 -16.26 38.81
N GLN C 279 -22.63 -15.33 38.48
CA GLN C 279 -22.54 -13.99 39.05
C GLN C 279 -23.57 -13.78 40.15
N GLY C 280 -24.83 -14.11 39.86
CA GLY C 280 -25.85 -13.98 40.88
C GLY C 280 -25.74 -14.98 42.02
N ASP C 281 -26.84 -15.16 42.73
CA ASP C 281 -26.89 -16.08 43.87
C ASP C 281 -27.05 -17.51 43.37
N LYS C 282 -27.64 -17.67 42.19
CA LYS C 282 -28.05 -18.97 41.71
C LYS C 282 -27.25 -19.41 40.50
N PRO C 283 -26.94 -20.71 40.43
CA PRO C 283 -26.22 -21.24 39.26
C PRO C 283 -27.10 -21.14 38.02
N PHE C 284 -26.49 -20.98 36.86
CA PHE C 284 -27.22 -20.98 35.60
C PHE C 284 -27.50 -22.43 35.21
N ASP C 285 -28.72 -22.68 34.74
CA ASP C 285 -29.16 -24.02 34.34
C ASP C 285 -29.10 -24.11 32.81
N TYR C 286 -28.05 -24.73 32.28
CA TYR C 286 -27.85 -24.78 30.84
C TYR C 286 -28.86 -25.69 30.18
N ALA C 287 -29.31 -26.72 30.89
CA ALA C 287 -30.31 -27.61 30.34
C ALA C 287 -31.65 -26.89 30.18
N SER C 288 -32.01 -26.08 31.18
CA SER C 288 -33.23 -25.28 31.12
C SER C 288 -33.20 -24.29 29.97
N PHE C 289 -32.03 -23.68 29.79
CA PHE C 289 -31.77 -22.71 28.73
C PHE C 289 -31.98 -23.35 27.36
N LYS C 290 -31.34 -24.50 27.14
CA LYS C 290 -31.54 -25.22 25.88
C LYS C 290 -32.99 -25.63 25.69
N ALA C 291 -33.62 -26.11 26.75
CA ALA C 291 -35.03 -26.51 26.65
C ALA C 291 -35.92 -25.35 26.25
N ALA C 292 -35.63 -24.15 26.75
CA ALA C 292 -36.42 -22.99 26.39
C ALA C 292 -36.33 -22.70 24.88
N TYR C 293 -35.15 -22.91 24.31
CA TYR C 293 -35.00 -22.81 22.85
C TYR C 293 -35.79 -23.91 22.13
N ARG C 294 -35.57 -25.15 22.52
CA ARG C 294 -36.19 -26.29 21.84
C ARG C 294 -37.71 -26.24 21.97
N ASN C 295 -38.19 -25.91 23.16
CA ASN C 295 -39.62 -25.90 23.42
C ASN C 295 -40.37 -24.80 22.68
N ALA C 296 -39.64 -23.81 22.20
CA ALA C 296 -40.22 -22.74 21.38
C ALA C 296 -40.26 -23.12 19.91
N GLY C 297 -39.70 -24.28 19.58
CA GLY C 297 -39.60 -24.75 18.20
C GLY C 297 -38.21 -24.60 17.60
N GLY C 298 -37.24 -24.22 18.43
CA GLY C 298 -35.90 -23.96 17.95
C GLY C 298 -35.21 -25.19 17.37
N LYS C 299 -34.77 -25.10 16.12
CA LYS C 299 -34.14 -26.23 15.45
CA LYS C 299 -34.15 -26.23 15.44
C LYS C 299 -32.70 -25.96 15.04
N GLY C 300 -32.15 -24.83 15.47
CA GLY C 300 -30.77 -24.50 15.14
C GLY C 300 -29.80 -25.51 15.71
N LEU C 301 -28.63 -25.63 15.11
CA LEU C 301 -27.57 -26.48 15.67
C LEU C 301 -27.10 -25.88 16.99
N TRP C 302 -27.02 -26.70 18.02
CA TRP C 302 -26.61 -26.21 19.34
C TRP C 302 -25.11 -26.42 19.53
N ILE C 303 -24.36 -25.34 19.39
CA ILE C 303 -22.90 -25.38 19.48
C ILE C 303 -22.47 -24.87 20.83
N ALA C 304 -21.73 -25.71 21.57
CA ALA C 304 -21.31 -25.32 22.90
C ALA C 304 -19.81 -25.05 22.94
N ASN C 305 -19.41 -24.20 23.88
CA ASN C 305 -18.01 -23.79 24.01
C ASN C 305 -17.63 -23.55 25.46
N ASN C 306 -16.33 -23.67 25.70
CA ASN C 306 -15.62 -23.21 26.90
C ASN C 306 -15.14 -24.35 27.78
N GLY C 307 -13.83 -24.58 27.74
CA GLY C 307 -13.20 -25.57 28.59
C GLY C 307 -13.37 -27.01 28.16
N TYR C 308 -13.85 -27.23 26.93
CA TYR C 308 -13.94 -28.60 26.41
C TYR C 308 -12.58 -29.16 26.05
N ASP C 309 -12.44 -30.47 26.21
CA ASP C 309 -11.30 -31.20 25.66
C ASP C 309 -11.83 -32.39 24.87
N ARG C 310 -10.94 -33.24 24.39
CA ARG C 310 -11.38 -34.37 23.58
C ARG C 310 -12.48 -35.19 24.25
N GLN C 311 -12.24 -35.66 25.46
CA GLN C 311 -13.20 -36.57 26.10
C GLN C 311 -14.52 -35.88 26.45
N SER C 312 -14.46 -34.66 26.95
CA SER C 312 -15.71 -33.97 27.30
C SER C 312 -16.53 -33.60 26.06
N ALA C 313 -15.85 -33.30 24.95
CA ALA C 313 -16.56 -32.99 23.72
C ALA C 313 -17.24 -34.24 23.16
N ILE C 314 -16.52 -35.35 23.12
CA ILE C 314 -17.09 -36.62 22.70
C ILE C 314 -18.32 -37.00 23.51
N GLU C 315 -18.21 -36.85 24.82
CA GLU C 315 -19.31 -37.23 25.70
C GLU C 315 -20.50 -36.31 25.53
N ALA C 316 -20.25 -35.02 25.37
CA ALA C 316 -21.33 -34.04 25.25
C ALA C 316 -22.13 -34.23 23.96
N VAL C 317 -21.44 -34.59 22.89
CA VAL C 317 -22.12 -34.84 21.61
C VAL C 317 -22.82 -36.21 21.62
N GLU C 318 -22.18 -37.23 22.19
CA GLU C 318 -22.78 -38.56 22.26
C GLU C 318 -24.08 -38.58 23.09
N SER C 319 -24.11 -37.80 24.17
CA SER C 319 -25.27 -37.78 25.05
C SER C 319 -26.38 -36.91 24.47
N GLY C 320 -26.03 -36.11 23.47
CA GLY C 320 -26.98 -35.19 22.86
C GLY C 320 -27.16 -33.89 23.64
N LYS C 321 -26.34 -33.67 24.65
CA LYS C 321 -26.43 -32.41 25.40
C LYS C 321 -26.11 -31.25 24.48
N VAL C 322 -25.19 -31.47 23.54
CA VAL C 322 -24.85 -30.45 22.55
C VAL C 322 -24.72 -31.10 21.18
N ASP C 323 -24.88 -30.30 20.13
CA ASP C 323 -24.80 -30.85 18.76
C ASP C 323 -23.38 -30.80 18.21
N ALA C 324 -22.59 -29.87 18.71
CA ALA C 324 -21.24 -29.65 18.20
C ALA C 324 -20.48 -28.87 19.26
N VAL C 325 -19.14 -28.88 19.18
CA VAL C 325 -18.33 -28.18 20.17
C VAL C 325 -17.34 -27.27 19.46
N ALA C 326 -17.30 -26.01 19.91
CA ALA C 326 -16.32 -25.07 19.41
C ALA C 326 -15.13 -25.00 20.36
N PHE C 327 -13.93 -25.11 19.80
CA PHE C 327 -12.70 -25.04 20.57
C PHE C 327 -12.00 -23.75 20.21
N GLY C 328 -11.54 -23.03 21.23
CA GLY C 328 -10.83 -21.78 21.04
C GLY C 328 -9.33 -22.00 21.05
N LYS C 329 -8.76 -22.09 22.24
CA LYS C 329 -7.29 -22.19 22.36
C LYS C 329 -6.72 -23.42 21.65
N ALA C 330 -7.44 -24.53 21.62
CA ALA C 330 -6.90 -25.70 20.96
C ALA C 330 -6.76 -25.46 19.45
N PHE C 331 -7.64 -24.64 18.88
CA PHE C 331 -7.52 -24.33 17.46
C PHE C 331 -6.40 -23.32 17.16
N ILE C 332 -6.09 -22.46 18.12
CA ILE C 332 -4.94 -21.57 17.95
C ILE C 332 -3.72 -22.45 17.70
N ALA C 333 -3.57 -23.48 18.53
CA ALA C 333 -2.33 -24.24 18.59
C ALA C 333 -2.28 -25.44 17.65
N ASN C 334 -3.43 -25.86 17.14
CA ASN C 334 -3.50 -27.09 16.35
C ASN C 334 -4.29 -26.85 15.08
N PRO C 335 -3.59 -26.58 13.97
CA PRO C 335 -4.36 -26.31 12.75
C PRO C 335 -5.17 -27.53 12.31
N ASP C 336 -4.58 -28.72 12.54
CA ASP C 336 -5.23 -29.99 12.22
C ASP C 336 -5.89 -30.62 13.46
N LEU C 337 -6.53 -29.79 14.28
CA LEU C 337 -7.20 -30.28 15.48
C LEU C 337 -8.14 -31.43 15.16
N VAL C 338 -8.84 -31.34 14.03
CA VAL C 338 -9.80 -32.38 13.69
C VAL C 338 -9.14 -33.75 13.60
N ARG C 339 -8.07 -33.85 12.82
CA ARG C 339 -7.35 -35.11 12.67
C ARG C 339 -6.71 -35.55 13.98
N ARG C 340 -6.14 -34.61 14.72
CA ARG C 340 -5.55 -34.93 16.01
C ARG C 340 -6.62 -35.53 16.94
N LEU C 341 -7.79 -34.90 17.01
CA LEU C 341 -8.83 -35.45 17.88
C LEU C 341 -9.30 -36.82 17.38
N LYS C 342 -9.47 -36.94 16.06
CA LYS C 342 -9.93 -38.20 15.50
C LYS C 342 -8.97 -39.35 15.86
N ASN C 343 -7.68 -39.08 15.77
CA ASN C 343 -6.65 -40.10 16.01
C ASN C 343 -6.19 -40.17 17.46
N ASP C 344 -6.81 -39.36 18.31
CA ASP C 344 -6.37 -39.20 19.70
C ASP C 344 -4.86 -38.99 19.78
N ALA C 345 -4.37 -38.05 18.98
CA ALA C 345 -2.95 -37.70 18.97
C ALA C 345 -2.68 -36.63 20.00
N PRO C 346 -1.40 -36.39 20.31
CA PRO C 346 -1.08 -35.28 21.20
C PRO C 346 -1.47 -33.95 20.57
N LEU C 347 -1.65 -32.93 21.40
CA LEU C 347 -1.93 -31.58 20.91
C LEU C 347 -0.73 -30.69 21.18
N ASN C 348 -0.49 -29.71 20.29
CA ASN C 348 0.48 -28.66 20.59
C ASN C 348 -0.02 -27.80 21.73
N ALA C 349 0.89 -27.37 22.60
CA ALA C 349 0.55 -26.46 23.69
C ALA C 349 0.40 -25.04 23.16
N PRO C 350 -0.70 -24.36 23.51
CA PRO C 350 -0.84 -22.97 23.06
C PRO C 350 0.17 -22.05 23.73
N ASN C 351 0.66 -21.06 22.99
CA ASN C 351 1.57 -20.06 23.52
C ASN C 351 0.84 -18.74 23.76
N GLN C 352 0.35 -18.54 24.97
CA GLN C 352 -0.48 -17.38 25.28
C GLN C 352 0.12 -16.02 24.87
N PRO C 353 1.44 -15.84 25.06
CA PRO C 353 1.99 -14.52 24.74
C PRO C 353 1.88 -14.11 23.27
N THR C 354 1.58 -15.04 22.37
CA THR C 354 1.44 -14.68 20.96
C THR C 354 -0.01 -14.80 20.45
N PHE C 355 -0.95 -14.92 21.39
CA PHE C 355 -2.35 -14.89 21.01
C PHE C 355 -2.71 -13.61 20.28
N TYR C 356 -2.34 -12.47 20.87
CA TYR C 356 -2.82 -11.18 20.37
C TYR C 356 -1.72 -10.36 19.70
N GLY C 357 -1.95 -9.97 18.46
CA GLY C 357 -1.02 -9.13 17.74
C GLY C 357 0.23 -9.88 17.30
N GLY C 358 1.19 -9.15 16.74
CA GLY C 358 2.43 -9.76 16.30
C GLY C 358 2.37 -10.26 14.88
N GLY C 359 3.07 -11.36 14.62
CA GLY C 359 3.20 -11.85 13.26
C GLY C 359 2.94 -13.35 13.14
N ALA C 360 3.65 -13.99 12.22
CA ALA C 360 3.44 -15.41 11.95
C ALA C 360 3.72 -16.29 13.17
N GLU C 361 4.67 -15.89 13.99
CA GLU C 361 5.01 -16.67 15.18
C GLU C 361 3.80 -16.73 16.11
N GLY C 362 3.39 -17.95 16.45
CA GLY C 362 2.22 -18.15 17.30
C GLY C 362 0.90 -17.99 16.56
N TYR C 363 0.98 -18.07 15.23
CA TYR C 363 -0.18 -17.81 14.39
C TYR C 363 -0.28 -18.83 13.26
N THR C 364 0.71 -18.83 12.36
CA THR C 364 0.70 -19.78 11.26
C THR C 364 1.81 -20.84 11.36
N ASP C 365 2.56 -20.82 12.46
CA ASP C 365 3.71 -21.72 12.58
C ASP C 365 3.51 -22.87 13.56
N TYR C 366 2.30 -23.06 14.08
CA TYR C 366 2.02 -24.27 14.83
C TYR C 366 1.96 -25.44 13.85
N PRO C 367 2.72 -26.50 14.13
CA PRO C 367 2.80 -27.58 13.13
C PRO C 367 1.60 -28.53 13.13
N ALA C 368 1.31 -29.05 11.94
CA ALA C 368 0.36 -30.15 11.79
C ALA C 368 1.14 -31.45 11.98
N LEU C 369 0.43 -32.55 12.20
CA LEU C 369 1.03 -33.87 12.24
C LEU C 369 1.60 -34.20 10.87
N ALA C 370 2.50 -35.18 10.82
CA ALA C 370 2.92 -35.73 9.53
C ALA C 370 1.76 -36.51 8.92
N GLN C 371 1.48 -36.28 7.63
CA GLN C 371 0.38 -36.97 6.98
C GLN C 371 0.77 -38.37 6.51
#